data_3X2T
#
_entry.id   3X2T
#
_cell.length_a   71.858
_cell.length_b   71.827
_cell.length_c   176.891
_cell.angle_alpha   90.000
_cell.angle_beta   90.000
_cell.angle_gamma   90.000
#
_symmetry.space_group_name_H-M   'P 21 21 21'
#
loop_
_entity.id
_entity.type
_entity.pdbx_description
1 polymer 'Kinesin heavy chain isoform 5C'
2 non-polymer "ADENOSINE-5'-DIPHOSPHATE"
3 water water
#
_entity_poly.entity_id   1
_entity_poly.type   'polypeptide(L)'
_entity_poly.pdbx_seq_one_letter_code
;MADPAECSIKVMCRFRPLNEAEILRGDKFIPKFKGEETVVIGQGKPYVFDRVLPPNTTQEQVYNACAKQIVKDVLEGYNG
TIFAYGQTSSGKTHTMEGKLHDPQLMGIIPRIAHDIFDHIYSMDENLEFHIKVSYFEIYLDKIRDLLDVSKTNLAVHEDK
NRVPYVKGCTERFVSSPEEVMDVIDEGKANRHVAVTNMNEHSSRSHSIFLINIKQENVETEKKLSGKLYLVDLAGSEKVS
KTGAEGAVLDEAKNINKSLSALGNVISALAEGTKTHVPYRDSKMTRILQDSLGGNCRTTIVICCSPSVFNEAETKSTLMF
GQRAKTIKNTVSVNHHHHHHH
;
_entity_poly.pdbx_strand_id   A,B
#
loop_
_chem_comp.id
_chem_comp.type
_chem_comp.name
_chem_comp.formula
ADP non-polymer ADENOSINE-5'-DIPHOSPHATE 'C10 H15 N5 O10 P2'
#
# COMPACT_ATOMS: atom_id res chain seq x y z
N PRO A 4 39.74 -2.08 1.03
CA PRO A 4 40.20 -0.96 0.21
C PRO A 4 39.40 -0.83 -1.09
N ALA A 5 39.46 -1.85 -1.93
CA ALA A 5 38.54 -2.07 -3.06
C ALA A 5 38.68 -1.11 -4.26
N GLU A 6 38.34 0.17 -4.08
CA GLU A 6 38.42 1.20 -5.15
C GLU A 6 37.81 0.78 -6.50
N CYS A 7 36.67 1.34 -6.89
CA CYS A 7 36.05 0.95 -8.17
C CYS A 7 35.09 1.99 -8.76
N SER A 8 34.82 1.81 -10.06
CA SER A 8 34.13 2.80 -10.88
C SER A 8 32.63 2.69 -10.69
N ILE A 9 31.98 3.84 -10.58
CA ILE A 9 30.54 3.91 -10.79
C ILE A 9 30.28 3.30 -12.19
N LYS A 10 29.54 2.19 -12.24
CA LYS A 10 29.14 1.62 -13.51
C LYS A 10 28.10 2.57 -14.11
N VAL A 11 27.95 2.56 -15.43
CA VAL A 11 26.96 3.41 -16.07
C VAL A 11 26.40 2.69 -17.27
N MET A 12 25.09 2.54 -17.28
CA MET A 12 24.43 1.82 -18.31
C MET A 12 23.51 2.77 -18.96
N CYS A 13 23.21 2.51 -20.22
CA CYS A 13 22.44 3.40 -21.04
C CYS A 13 21.27 2.63 -21.65
N ARG A 14 20.06 3.11 -21.37
CA ARG A 14 18.92 2.42 -21.90
C ARG A 14 18.12 3.42 -22.69
N PHE A 15 17.86 3.06 -23.93
CA PHE A 15 17.05 3.84 -24.81
C PHE A 15 15.68 3.21 -24.79
N ARG A 16 14.64 4.02 -24.64
CA ARG A 16 13.29 3.54 -24.94
C ARG A 16 13.17 3.45 -26.43
N PRO A 17 12.15 2.74 -26.94
CA PRO A 17 11.78 2.85 -28.34
C PRO A 17 10.96 4.12 -28.61
N LEU A 18 10.72 4.41 -29.89
CA LEU A 18 9.81 5.49 -30.27
C LEU A 18 8.42 5.11 -29.80
N ASN A 19 7.67 6.10 -29.29
CA ASN A 19 6.24 5.90 -28.97
C ASN A 19 5.39 6.35 -30.17
N GLU A 20 4.09 6.56 -29.97
CA GLU A 20 3.21 6.87 -31.10
C GLU A 20 3.39 8.30 -31.59
N ALA A 21 3.25 9.24 -30.67
CA ALA A 21 3.48 10.65 -30.98
C ALA A 21 4.51 10.71 -32.09
N GLU A 22 5.64 10.06 -31.85
CA GLU A 22 6.72 10.08 -32.82
C GLU A 22 6.44 9.20 -34.03
N ILE A 23 6.22 7.91 -33.82
CA ILE A 23 6.10 6.97 -34.96
C ILE A 23 5.10 7.50 -35.99
N LEU A 24 4.00 8.09 -35.52
CA LEU A 24 3.00 8.68 -36.42
C LEU A 24 3.54 9.95 -37.07
N ARG A 25 4.20 10.79 -36.28
CA ARG A 25 4.88 11.97 -36.81
C ARG A 25 6.13 11.62 -37.65
N GLY A 26 6.24 10.35 -38.07
CA GLY A 26 7.46 9.82 -38.68
C GLY A 26 8.53 9.52 -37.63
N ASP A 27 9.49 10.45 -37.52
CA ASP A 27 10.69 10.29 -36.66
C ASP A 27 11.52 9.09 -37.06
N LYS A 28 12.73 9.35 -37.54
CA LYS A 28 13.69 8.27 -37.75
C LYS A 28 14.43 7.97 -36.43
N PHE A 29 14.91 6.74 -36.34
CA PHE A 29 15.62 6.28 -35.16
C PHE A 29 17.05 6.81 -35.18
N ILE A 30 17.36 7.82 -34.39
CA ILE A 30 18.71 8.41 -34.44
C ILE A 30 19.89 7.50 -33.97
N PRO A 31 19.81 6.85 -32.79
CA PRO A 31 21.06 6.27 -32.21
C PRO A 31 21.55 5.00 -32.91
N LYS A 32 22.86 4.81 -32.95
CA LYS A 32 23.48 3.66 -33.61
C LYS A 32 24.35 2.90 -32.63
N PHE A 33 24.16 1.59 -32.55
CA PHE A 33 24.77 0.74 -31.54
C PHE A 33 25.87 -0.13 -32.10
N LYS A 34 27.09 0.14 -31.66
CA LYS A 34 28.22 -0.69 -32.05
C LYS A 34 28.71 -1.49 -30.87
N GLY A 35 28.78 -2.79 -31.07
CA GLY A 35 29.20 -3.69 -30.00
C GLY A 35 28.12 -3.64 -28.95
N GLU A 36 28.51 -3.93 -27.71
CA GLU A 36 27.54 -3.95 -26.61
C GLU A 36 27.77 -2.84 -25.61
N GLU A 37 28.61 -1.86 -25.95
CA GLU A 37 29.00 -0.79 -25.03
C GLU A 37 29.02 0.62 -25.61
N THR A 38 28.60 0.78 -26.86
CA THR A 38 28.85 2.05 -27.55
C THR A 38 27.68 2.42 -28.42
N VAL A 39 27.34 3.70 -28.36
CA VAL A 39 26.26 4.28 -29.13
C VAL A 39 26.82 5.52 -29.85
N VAL A 40 26.26 5.78 -31.02
CA VAL A 40 26.67 6.87 -31.88
C VAL A 40 25.41 7.57 -32.33
N ILE A 41 25.41 8.90 -32.20
CA ILE A 41 24.30 9.73 -32.66
C ILE A 41 24.68 10.44 -33.98
N GLY A 42 23.99 10.06 -35.05
CA GLY A 42 24.24 10.64 -36.38
C GLY A 42 25.70 10.51 -36.77
N GLN A 43 26.33 11.63 -37.07
CA GLN A 43 27.76 11.70 -37.46
C GLN A 43 28.71 12.03 -36.30
N GLY A 44 28.15 12.22 -35.09
CA GLY A 44 28.92 12.73 -33.95
C GLY A 44 29.94 11.77 -33.37
N LYS A 45 30.55 12.19 -32.27
CA LYS A 45 31.48 11.32 -31.51
C LYS A 45 30.75 10.12 -30.84
N PRO A 46 31.46 8.98 -30.68
CA PRO A 46 30.83 7.77 -30.23
C PRO A 46 30.91 7.60 -28.70
N TYR A 47 29.77 7.41 -28.05
CA TYR A 47 29.78 7.29 -26.59
C TYR A 47 29.95 5.84 -26.17
N VAL A 48 30.77 5.68 -25.14
CA VAL A 48 31.08 4.40 -24.56
C VAL A 48 30.65 4.33 -23.10
N PHE A 49 29.99 3.24 -22.75
CA PHE A 49 29.60 3.02 -21.37
C PHE A 49 29.82 1.59 -20.97
N ASP A 50 29.50 1.29 -19.71
CA ASP A 50 29.65 -0.06 -19.23
C ASP A 50 28.74 -0.99 -19.98
N ARG A 51 27.57 -0.51 -20.37
CA ARG A 51 26.69 -1.28 -21.26
C ARG A 51 25.81 -0.32 -22.02
N VAL A 52 25.34 -0.75 -23.18
CA VAL A 52 24.32 -0.01 -23.90
C VAL A 52 23.16 -0.93 -24.15
N LEU A 53 21.95 -0.41 -24.02
CA LEU A 53 20.79 -1.25 -23.87
C LEU A 53 19.71 -0.70 -24.77
N PRO A 54 19.59 -1.30 -25.95
CA PRO A 54 18.63 -0.79 -26.89
C PRO A 54 17.21 -1.01 -26.46
N PRO A 55 16.25 -0.39 -27.14
CA PRO A 55 14.84 -0.62 -26.93
C PRO A 55 14.43 -2.08 -26.76
N ASN A 56 15.01 -2.96 -27.56
CA ASN A 56 14.54 -4.35 -27.62
C ASN A 56 15.01 -5.25 -26.46
N THR A 57 15.91 -4.73 -25.61
CA THR A 57 16.39 -5.52 -24.48
C THR A 57 15.32 -5.59 -23.36
N THR A 58 15.17 -6.79 -22.80
CA THR A 58 14.12 -6.97 -21.82
C THR A 58 14.44 -6.41 -20.47
N GLN A 59 13.37 -6.22 -19.71
CA GLN A 59 13.47 -5.95 -18.29
C GLN A 59 14.39 -6.94 -17.62
N GLU A 60 14.12 -8.23 -17.87
CA GLU A 60 14.97 -9.25 -17.28
C GLU A 60 16.44 -8.94 -17.59
N GLN A 61 16.75 -8.65 -18.85
CA GLN A 61 18.14 -8.45 -19.23
C GLN A 61 18.65 -7.12 -18.72
N VAL A 62 17.80 -6.12 -18.70
CA VAL A 62 18.22 -4.91 -18.01
C VAL A 62 18.62 -5.25 -16.57
N TYR A 63 17.79 -6.05 -15.87
CA TYR A 63 18.13 -6.44 -14.48
C TYR A 63 19.48 -7.12 -14.36
N ASN A 64 19.66 -8.17 -15.15
CA ASN A 64 20.92 -8.95 -15.13
C ASN A 64 22.15 -8.09 -15.36
N ALA A 65 22.02 -7.12 -16.25
CA ALA A 65 23.11 -6.23 -16.61
C ALA A 65 23.45 -5.19 -15.54
N CYS A 66 22.44 -4.54 -14.97
CA CYS A 66 22.65 -3.40 -14.04
C CYS A 66 22.58 -3.75 -12.55
N ALA A 67 21.73 -4.68 -12.18
CA ALA A 67 21.34 -4.85 -10.77
C ALA A 67 21.85 -6.14 -10.12
N LYS A 68 21.63 -7.27 -10.77
CA LYS A 68 22.04 -8.57 -10.22
C LYS A 68 23.26 -8.44 -9.31
N GLN A 69 24.33 -7.92 -9.88
CA GLN A 69 25.57 -7.79 -9.13
C GLN A 69 25.44 -6.96 -7.85
N ILE A 70 24.83 -5.76 -7.94
CA ILE A 70 24.63 -4.90 -6.77
C ILE A 70 23.89 -5.63 -5.61
N VAL A 71 22.92 -6.46 -5.93
CA VAL A 71 22.32 -7.36 -4.95
C VAL A 71 23.34 -8.23 -4.18
N LYS A 72 24.21 -8.93 -4.89
CA LYS A 72 25.19 -9.81 -4.25
C LYS A 72 26.19 -9.00 -3.41
N ASP A 73 26.34 -7.72 -3.73
CA ASP A 73 27.24 -6.85 -2.98
C ASP A 73 26.68 -6.51 -1.60
N VAL A 74 25.37 -6.34 -1.55
CA VAL A 74 24.66 -5.94 -0.35
C VAL A 74 24.58 -7.12 0.61
N LEU A 75 24.42 -8.31 0.04
CA LEU A 75 24.44 -9.52 0.81
C LEU A 75 25.85 -9.86 1.30
N GLU A 76 26.83 -9.13 0.84
CA GLU A 76 28.22 -9.37 1.22
C GLU A 76 28.68 -8.23 2.06
N GLY A 77 27.73 -7.41 2.50
CA GLY A 77 28.02 -6.35 3.44
C GLY A 77 28.33 -4.99 2.86
N TYR A 78 28.31 -4.86 1.54
CA TYR A 78 28.54 -3.54 0.94
C TYR A 78 27.24 -2.80 0.73
N ASN A 79 27.28 -1.48 0.85
CA ASN A 79 26.21 -0.65 0.37
C ASN A 79 26.18 -0.71 -1.14
N GLY A 80 24.97 -0.66 -1.67
CA GLY A 80 24.74 -0.46 -3.09
C GLY A 80 23.86 0.73 -3.33
N THR A 81 23.78 1.12 -4.59
CA THR A 81 22.87 2.16 -5.04
C THR A 81 22.71 2.10 -6.54
N ILE A 82 21.49 2.03 -6.99
CA ILE A 82 21.25 2.13 -8.38
C ILE A 82 20.39 3.32 -8.52
N PHE A 83 20.59 4.11 -9.57
CA PHE A 83 19.57 5.07 -9.92
C PHE A 83 19.39 5.35 -11.39
N ALA A 84 18.26 5.96 -11.70
CA ALA A 84 17.86 6.22 -13.06
C ALA A 84 17.83 7.71 -13.28
N TYR A 85 18.72 8.21 -14.11
CA TYR A 85 18.80 9.61 -14.49
C TYR A 85 18.26 9.74 -15.89
N GLY A 86 17.63 10.87 -16.20
CA GLY A 86 17.14 11.11 -17.57
C GLY A 86 15.98 12.09 -17.65
N GLN A 87 15.58 12.40 -18.87
CA GLN A 87 14.53 13.37 -19.10
C GLN A 87 13.15 12.72 -18.93
N THR A 88 12.12 13.54 -18.81
CA THR A 88 10.76 13.04 -18.59
C THR A 88 10.32 12.27 -19.80
N SER A 89 9.55 11.22 -19.61
CA SER A 89 9.17 10.30 -20.69
C SER A 89 10.27 9.38 -21.25
N SER A 90 11.49 9.46 -20.73
CA SER A 90 12.58 8.67 -21.28
C SER A 90 12.62 7.19 -20.80
N GLY A 91 11.89 6.87 -19.74
CA GLY A 91 11.67 5.49 -19.31
C GLY A 91 12.34 5.12 -18.00
N LYS A 92 12.70 6.13 -17.21
CA LYS A 92 13.20 5.92 -15.85
C LYS A 92 12.33 5.03 -14.95
N THR A 93 11.02 5.19 -15.01
CA THR A 93 10.15 4.50 -14.06
C THR A 93 9.94 3.09 -14.51
N HIS A 94 9.81 2.92 -15.81
CA HIS A 94 9.75 1.60 -16.45
C HIS A 94 10.97 0.75 -16.11
N THR A 95 12.12 1.39 -15.98
CA THR A 95 13.34 0.66 -15.70
C THR A 95 13.39 0.32 -14.20
N MET A 96 13.08 1.32 -13.37
CA MET A 96 13.14 1.16 -11.92
C MET A 96 12.00 0.36 -11.35
N GLU A 97 10.79 0.55 -11.89
CA GLU A 97 9.59 -0.10 -11.38
C GLU A 97 8.93 -1.01 -12.37
N GLY A 98 8.55 -0.46 -13.51
CA GLY A 98 7.90 -1.25 -14.55
C GLY A 98 6.52 -1.65 -14.09
N LYS A 99 5.84 -2.53 -14.83
CA LYS A 99 4.57 -3.06 -14.37
C LYS A 99 4.91 -3.94 -13.20
N LEU A 100 4.67 -3.37 -12.00
CA LEU A 100 5.08 -3.94 -10.72
C LEU A 100 4.71 -5.38 -10.52
N HIS A 101 3.63 -5.84 -11.13
CA HIS A 101 3.19 -7.24 -10.92
C HIS A 101 3.33 -8.21 -12.10
N ASP A 102 3.64 -7.70 -13.28
CA ASP A 102 3.89 -8.56 -14.44
C ASP A 102 5.32 -9.11 -14.36
N PRO A 103 5.49 -10.44 -14.49
CA PRO A 103 6.84 -11.04 -14.42
C PRO A 103 7.72 -10.78 -15.64
N GLN A 104 7.10 -10.42 -16.75
CA GLN A 104 7.87 -10.02 -17.90
C GLN A 104 8.09 -8.55 -17.80
N LEU A 105 7.02 -7.79 -17.59
CA LEU A 105 7.10 -6.32 -17.59
C LEU A 105 7.58 -5.64 -16.30
N MET A 106 8.00 -6.41 -15.28
CA MET A 106 8.39 -5.78 -13.99
C MET A 106 9.84 -5.32 -14.04
N GLY A 107 10.06 -4.20 -13.38
CA GLY A 107 11.34 -3.51 -13.39
C GLY A 107 12.26 -3.99 -12.29
N ILE A 108 13.19 -3.13 -11.94
CA ILE A 108 14.30 -3.49 -11.13
C ILE A 108 13.92 -3.72 -9.67
N ILE A 109 13.15 -2.81 -9.07
CA ILE A 109 12.84 -2.91 -7.64
C ILE A 109 12.13 -4.24 -7.36
N PRO A 110 11.10 -4.56 -8.15
CA PRO A 110 10.49 -5.84 -7.81
C PRO A 110 11.47 -6.99 -8.02
N ARG A 111 12.31 -6.91 -9.03
CA ARG A 111 13.24 -8.01 -9.31
C ARG A 111 14.23 -8.11 -8.18
N ILE A 112 14.70 -6.98 -7.68
CA ILE A 112 15.66 -7.01 -6.58
C ILE A 112 15.02 -7.68 -5.39
N ALA A 113 13.76 -7.30 -5.12
CA ALA A 113 13.01 -7.91 -4.06
C ALA A 113 13.10 -9.43 -4.19
N HIS A 114 12.63 -9.99 -5.29
CA HIS A 114 12.70 -11.44 -5.46
C HIS A 114 14.12 -12.02 -5.37
N ASP A 115 15.09 -11.34 -5.94
CA ASP A 115 16.42 -11.92 -6.00
C ASP A 115 16.92 -11.98 -4.59
N ILE A 116 16.73 -10.89 -3.85
CA ILE A 116 17.18 -10.83 -2.46
C ILE A 116 16.78 -12.04 -1.57
N PHE A 117 15.55 -12.48 -1.71
CA PHE A 117 14.99 -13.48 -0.85
C PHE A 117 15.24 -14.87 -1.34
N ASP A 118 15.39 -15.04 -2.65
CA ASP A 118 15.87 -16.30 -3.20
C ASP A 118 17.27 -16.58 -2.64
N HIS A 119 18.12 -15.58 -2.62
CA HIS A 119 19.43 -15.74 -2.00
C HIS A 119 19.28 -16.08 -0.52
N ILE A 120 18.54 -15.26 0.23
CA ILE A 120 18.37 -15.48 1.66
C ILE A 120 17.76 -16.86 1.98
N TYR A 121 16.67 -17.22 1.31
CA TYR A 121 16.07 -18.50 1.60
C TYR A 121 17.08 -19.63 1.52
N SER A 122 18.03 -19.51 0.62
CA SER A 122 18.92 -20.64 0.32
C SER A 122 20.03 -20.74 1.33
N MET A 123 20.27 -19.65 2.05
CA MET A 123 21.32 -19.63 3.05
C MET A 123 21.05 -20.51 4.29
N ASP A 124 22.13 -20.74 5.03
CA ASP A 124 22.16 -21.58 6.23
C ASP A 124 21.44 -20.95 7.44
N GLU A 125 20.88 -21.82 8.30
CA GLU A 125 20.13 -21.41 9.52
C GLU A 125 20.73 -20.35 10.40
N ASN A 126 22.04 -20.37 10.61
CA ASN A 126 22.58 -19.24 11.39
C ASN A 126 22.60 -18.11 10.42
N LEU A 127 23.35 -17.05 10.70
CA LEU A 127 23.21 -15.84 9.88
C LEU A 127 21.71 -15.61 9.59
N GLU A 128 21.15 -14.69 10.37
CA GLU A 128 19.75 -14.40 10.34
C GLU A 128 19.68 -13.01 9.77
N PHE A 129 18.66 -12.76 8.95
CA PHE A 129 18.58 -11.46 8.30
C PHE A 129 17.45 -10.63 8.85
N HIS A 130 17.70 -9.34 9.05
CA HIS A 130 16.61 -8.37 9.16
C HIS A 130 16.66 -7.38 8.01
N ILE A 131 15.51 -7.13 7.41
CA ILE A 131 15.41 -6.25 6.28
C ILE A 131 14.37 -5.21 6.55
N LYS A 132 14.81 -3.97 6.57
CA LYS A 132 13.90 -2.85 6.77
C LYS A 132 13.86 -2.07 5.48
N VAL A 133 12.69 -1.60 5.10
CA VAL A 133 12.57 -0.83 3.93
C VAL A 133 11.88 0.46 4.31
N SER A 134 12.14 1.49 3.52
CA SER A 134 11.43 2.77 3.64
C SER A 134 11.32 3.36 2.24
N TYR A 135 10.34 4.24 2.07
CA TYR A 135 9.96 4.69 0.77
C TYR A 135 9.57 6.13 0.95
N PHE A 136 10.24 7.02 0.23
CA PHE A 136 9.92 8.43 0.30
C PHE A 136 10.37 9.15 -0.92
N GLU A 137 9.70 10.26 -1.20
CA GLU A 137 10.00 11.06 -2.35
C GLU A 137 10.56 12.41 -1.92
N ILE A 138 10.95 13.21 -2.90
CA ILE A 138 11.46 14.54 -2.66
C ILE A 138 10.84 15.53 -3.64
N TYR A 139 10.43 16.66 -3.10
CA TYR A 139 9.79 17.69 -3.89
C TYR A 139 10.23 19.02 -3.29
N LEU A 140 10.90 19.84 -4.11
CA LEU A 140 11.38 21.16 -3.73
C LEU A 140 12.11 21.10 -2.41
N ASP A 141 13.29 20.53 -2.43
CA ASP A 141 14.16 20.44 -1.26
C ASP A 141 13.49 19.84 -0.01
N LYS A 142 12.31 19.26 -0.17
CA LYS A 142 11.57 18.75 0.97
C LYS A 142 11.26 17.27 0.80
N ILE A 143 11.57 16.50 1.83
CA ILE A 143 11.31 15.07 1.84
C ILE A 143 9.90 14.84 2.34
N ARG A 144 9.19 13.89 1.72
CA ARG A 144 7.82 13.56 2.11
C ARG A 144 7.68 12.04 2.20
N ASP A 145 7.26 11.55 3.35
CA ASP A 145 7.17 10.11 3.61
C ASP A 145 5.99 9.49 2.86
N LEU A 146 6.27 8.43 2.11
CA LEU A 146 5.25 7.81 1.28
C LEU A 146 4.45 6.73 2.03
N LEU A 147 4.99 6.27 3.16
CA LEU A 147 4.30 5.36 4.08
C LEU A 147 3.52 6.03 5.26
N ASP A 148 3.67 7.34 5.43
CA ASP A 148 2.95 8.12 6.43
C ASP A 148 2.78 9.52 5.89
N VAL A 149 1.76 9.76 5.08
CA VAL A 149 1.65 11.08 4.43
C VAL A 149 1.40 12.24 5.41
N SER A 150 1.32 11.93 6.70
CA SER A 150 1.38 12.92 7.75
C SER A 150 2.74 13.60 7.68
N LYS A 151 3.80 12.81 7.60
CA LYS A 151 5.16 13.37 7.53
C LYS A 151 5.45 13.94 6.13
N THR A 152 5.80 15.23 6.10
CA THR A 152 6.00 15.97 4.86
C THR A 152 7.25 16.86 4.92
N ASN A 153 8.14 16.66 5.89
CA ASN A 153 9.31 17.51 6.04
C ASN A 153 10.37 16.96 6.93
N LEU A 154 10.69 15.69 6.73
CA LEU A 154 11.75 15.03 7.49
C LEU A 154 13.08 15.71 7.24
N ALA A 155 13.96 15.59 8.22
CA ALA A 155 15.28 16.19 8.11
C ALA A 155 16.32 15.11 7.93
N VAL A 156 17.49 15.52 7.43
CA VAL A 156 18.63 14.63 7.25
C VAL A 156 19.54 14.80 8.46
N HIS A 157 20.21 13.73 8.87
CA HIS A 157 21.09 13.72 10.06
C HIS A 157 22.38 12.95 9.70
N GLU A 158 23.22 12.65 10.69
CA GLU A 158 24.46 11.87 10.45
C GLU A 158 24.73 10.87 11.58
N ASP A 159 25.22 9.69 11.20
CA ASP A 159 25.51 8.61 12.15
C ASP A 159 26.88 8.81 12.82
N LYS A 160 27.40 7.74 13.45
CA LYS A 160 28.76 7.77 14.03
C LYS A 160 29.82 8.11 12.97
N ASN A 161 29.78 7.43 11.83
CA ASN A 161 30.73 7.65 10.73
C ASN A 161 30.51 8.95 9.95
N ARG A 162 29.72 9.86 10.50
CA ARG A 162 29.56 11.19 9.91
C ARG A 162 28.93 11.12 8.51
N VAL A 163 28.08 10.10 8.29
CA VAL A 163 27.40 9.89 6.98
C VAL A 163 25.88 10.06 7.08
N PRO A 164 25.29 10.89 6.22
CA PRO A 164 23.88 11.24 6.23
C PRO A 164 22.87 10.12 5.98
N TYR A 165 21.77 10.21 6.72
CA TYR A 165 20.61 9.33 6.61
C TYR A 165 19.37 10.19 6.87
N VAL A 166 18.21 9.72 6.41
CA VAL A 166 16.96 10.43 6.69
C VAL A 166 16.42 9.93 8.01
N LYS A 167 15.95 10.86 8.85
CA LYS A 167 15.47 10.53 10.21
C LYS A 167 13.95 10.56 10.33
N GLY A 168 13.42 9.68 11.18
CA GLY A 168 11.98 9.63 11.46
C GLY A 168 11.20 9.10 10.29
N CYS A 169 11.84 8.20 9.56
CA CYS A 169 11.32 7.66 8.33
C CYS A 169 10.52 6.39 8.66
N THR A 170 9.26 6.23 8.21
CA THR A 170 8.55 4.99 8.61
C THR A 170 9.39 3.80 8.13
N GLU A 171 9.33 2.73 8.90
CA GLU A 171 10.06 1.51 8.59
C GLU A 171 9.12 0.31 8.62
N ARG A 172 8.98 -0.35 7.48
CA ARG A 172 8.26 -1.61 7.40
C ARG A 172 9.31 -2.73 7.43
N PHE A 173 9.00 -3.82 8.13
CA PHE A 173 9.87 -5.02 8.16
C PHE A 173 9.30 -6.15 7.35
N VAL A 174 10.19 -6.86 6.65
CA VAL A 174 9.79 -7.74 5.57
C VAL A 174 10.54 -9.05 5.66
N SER A 175 9.87 -10.10 5.22
CA SER A 175 10.41 -11.46 5.29
C SER A 175 10.07 -12.24 4.01
N SER A 176 9.86 -11.50 2.94
CA SER A 176 9.33 -12.03 1.72
C SER A 176 9.18 -10.95 0.66
N PRO A 177 9.47 -11.28 -0.61
CA PRO A 177 9.28 -10.42 -1.77
C PRO A 177 7.90 -9.79 -1.81
N GLU A 178 6.89 -10.60 -1.50
CA GLU A 178 5.50 -10.14 -1.49
C GLU A 178 5.29 -8.94 -0.55
N GLU A 179 5.94 -8.94 0.61
CA GLU A 179 5.81 -7.76 1.49
C GLU A 179 6.48 -6.52 0.93
N VAL A 180 7.58 -6.69 0.20
CA VAL A 180 8.26 -5.55 -0.41
C VAL A 180 7.33 -4.98 -1.43
N MET A 181 6.57 -5.84 -2.07
CA MET A 181 5.61 -5.34 -3.05
C MET A 181 4.49 -4.50 -2.40
N ASP A 182 3.88 -5.02 -1.35
CA ASP A 182 2.78 -4.30 -0.71
C ASP A 182 3.28 -2.97 -0.14
N VAL A 183 4.48 -2.95 0.44
CA VAL A 183 5.03 -1.66 0.81
C VAL A 183 5.01 -0.69 -0.37
N ILE A 184 5.49 -1.10 -1.53
CA ILE A 184 5.59 -0.16 -2.63
C ILE A 184 4.20 0.26 -3.02
N ASP A 185 3.29 -0.71 -3.05
CA ASP A 185 1.91 -0.42 -3.43
C ASP A 185 1.27 0.58 -2.43
N GLU A 186 1.52 0.38 -1.14
CA GLU A 186 1.10 1.35 -0.16
C GLU A 186 1.52 2.73 -0.64
N GLY A 187 2.83 2.94 -0.67
CA GLY A 187 3.40 4.19 -1.17
C GLY A 187 2.72 4.69 -2.42
N LYS A 188 2.61 3.86 -3.45
CA LYS A 188 1.99 4.36 -4.69
C LYS A 188 0.58 4.89 -4.41
N ALA A 189 -0.16 4.21 -3.53
CA ALA A 189 -1.50 4.62 -3.17
C ALA A 189 -1.47 5.95 -2.38
N ASN A 190 -0.77 5.93 -1.24
CA ASN A 190 -0.61 7.12 -0.45
C ASN A 190 -0.40 8.36 -1.31
N ARG A 191 0.41 8.23 -2.36
CA ARG A 191 0.67 9.35 -3.24
C ARG A 191 -0.65 10.02 -3.61
N HIS A 192 -1.60 9.21 -4.06
CA HIS A 192 -2.93 9.71 -4.50
C HIS A 192 -3.82 10.28 -3.40
N VAL A 193 -3.21 10.62 -2.27
CA VAL A 193 -3.78 11.59 -1.35
C VAL A 193 -3.06 12.91 -1.74
N ALA A 194 -3.34 13.37 -2.96
CA ALA A 194 -2.56 14.44 -3.63
C ALA A 194 -2.82 15.80 -3.00
N MET A 198 -1.32 15.22 -10.69
CA MET A 198 -0.54 14.14 -10.09
C MET A 198 0.57 13.60 -11.01
N ASN A 199 0.36 13.66 -12.32
CA ASN A 199 1.37 13.32 -13.32
C ASN A 199 2.57 14.27 -13.23
N GLU A 200 2.29 15.55 -13.46
CA GLU A 200 3.30 16.60 -13.34
C GLU A 200 4.06 16.47 -12.01
N HIS A 201 3.33 16.13 -10.95
CA HIS A 201 3.89 15.91 -9.63
C HIS A 201 4.99 14.84 -9.64
N SER A 202 4.61 13.63 -10.07
CA SER A 202 5.52 12.47 -10.11
C SER A 202 6.78 12.80 -10.93
N SER A 203 6.56 13.27 -12.16
CA SER A 203 7.64 13.80 -12.98
C SER A 203 8.05 15.15 -12.44
N ARG A 204 9.06 15.12 -11.56
CA ARG A 204 9.58 16.29 -10.80
C ARG A 204 9.62 16.00 -9.29
N SER A 205 9.18 14.81 -8.90
CA SER A 205 9.50 14.26 -7.58
C SER A 205 10.61 13.26 -7.81
N HIS A 206 11.47 13.05 -6.80
CA HIS A 206 12.42 11.94 -6.80
C HIS A 206 11.93 10.91 -5.82
N SER A 207 11.53 9.75 -6.29
CA SER A 207 11.16 8.70 -5.37
C SER A 207 12.33 7.78 -5.00
N ILE A 208 12.66 7.75 -3.71
CA ILE A 208 13.75 6.95 -3.17
C ILE A 208 13.19 5.75 -2.38
N PHE A 209 13.63 4.56 -2.73
CA PHE A 209 13.21 3.37 -2.02
C PHE A 209 14.39 2.71 -1.34
N LEU A 210 14.35 2.57 -0.04
CA LEU A 210 15.54 2.13 0.69
C LEU A 210 15.31 0.77 1.33
N ILE A 211 16.22 -0.15 1.09
CA ILE A 211 16.16 -1.49 1.64
C ILE A 211 17.40 -1.66 2.48
N ASN A 212 17.22 -1.71 3.80
CA ASN A 212 18.34 -2.00 4.69
C ASN A 212 18.38 -3.49 5.08
N ILE A 213 19.55 -4.07 4.90
CA ILE A 213 19.75 -5.48 5.09
C ILE A 213 20.83 -5.61 6.12
N LYS A 214 20.47 -6.21 7.26
CA LYS A 214 21.42 -6.55 8.30
C LYS A 214 21.42 -8.03 8.45
N GLN A 215 22.61 -8.60 8.60
CA GLN A 215 22.76 -10.01 8.89
C GLN A 215 23.77 -10.23 9.99
N GLU A 216 23.61 -11.35 10.70
CA GLU A 216 24.40 -11.66 11.88
C GLU A 216 24.58 -13.16 11.86
N ASN A 217 25.82 -13.64 11.82
CA ASN A 217 26.07 -15.07 12.03
C ASN A 217 25.91 -15.37 13.51
N VAL A 218 24.90 -16.17 13.87
CA VAL A 218 24.46 -16.27 15.25
C VAL A 218 25.49 -16.95 16.14
N GLU A 219 26.12 -18.01 15.65
CA GLU A 219 27.10 -18.72 16.45
C GLU A 219 28.35 -17.84 16.66
N THR A 220 28.89 -17.30 15.57
CA THR A 220 30.15 -16.50 15.62
C THR A 220 29.88 -15.07 16.04
N GLU A 221 28.64 -14.63 15.86
CA GLU A 221 28.18 -13.32 16.31
C GLU A 221 28.71 -12.13 15.50
N LYS A 222 29.28 -12.41 14.31
CA LYS A 222 29.74 -11.34 13.39
C LYS A 222 28.63 -10.82 12.46
N LYS A 223 28.56 -9.50 12.33
CA LYS A 223 27.48 -8.85 11.59
C LYS A 223 27.95 -8.11 10.33
N LEU A 224 27.24 -8.33 9.23
CA LEU A 224 27.36 -7.52 8.02
C LEU A 224 26.15 -6.61 7.92
N SER A 225 26.25 -5.57 7.09
CA SER A 225 25.12 -4.67 6.83
C SER A 225 25.31 -3.81 5.57
N GLY A 226 24.21 -3.40 4.96
CA GLY A 226 24.27 -2.45 3.86
C GLY A 226 22.94 -1.78 3.54
N LYS A 227 23.00 -0.52 3.19
CA LYS A 227 21.85 0.18 2.65
C LYS A 227 21.85 -0.04 1.15
N LEU A 228 20.66 -0.12 0.58
CA LEU A 228 20.51 -0.30 -0.84
C LEU A 228 19.54 0.73 -1.29
N TYR A 229 20.03 1.80 -1.88
CA TYR A 229 19.14 2.84 -2.39
C TYR A 229 18.76 2.53 -3.81
N LEU A 230 17.49 2.73 -4.12
CA LEU A 230 16.94 2.55 -5.43
C LEU A 230 16.12 3.79 -5.77
N VAL A 231 16.79 4.78 -6.35
CA VAL A 231 16.21 6.07 -6.65
C VAL A 231 15.67 6.18 -8.05
N ASP A 232 14.43 6.64 -8.15
CA ASP A 232 13.84 7.02 -9.43
C ASP A 232 13.79 8.55 -9.53
N LEU A 233 14.80 9.13 -10.16
CA LEU A 233 14.92 10.58 -10.27
C LEU A 233 13.86 11.22 -11.18
N ALA A 234 13.82 12.53 -11.10
CA ALA A 234 12.84 13.31 -11.83
C ALA A 234 13.47 13.73 -13.15
N GLY A 235 12.66 14.30 -14.02
CA GLY A 235 13.18 14.95 -15.22
C GLY A 235 14.43 15.79 -14.96
N SER A 236 15.46 15.55 -15.77
CA SER A 236 16.67 16.35 -15.75
C SER A 236 16.64 17.38 -16.87
N GLU A 237 15.48 17.52 -17.52
CA GLU A 237 15.29 18.45 -18.62
C GLU A 237 15.34 19.90 -18.19
N LYS A 238 15.48 20.75 -19.21
CA LYS A 238 15.42 22.21 -19.07
C LYS A 238 13.97 22.64 -19.29
N ASN A 256 14.00 22.85 -11.60
CA ASN A 256 15.25 22.10 -11.70
C ASN A 256 15.83 21.76 -10.32
N LYS A 257 16.42 22.75 -9.68
CA LYS A 257 16.91 22.65 -8.28
C LYS A 257 17.74 21.40 -7.93
N SER A 258 17.06 20.28 -7.79
CA SER A 258 17.63 19.09 -7.16
C SER A 258 18.67 18.39 -8.04
N LEU A 259 18.37 18.29 -9.34
CA LEU A 259 19.31 17.71 -10.31
C LEU A 259 20.59 18.53 -10.46
N SER A 260 20.47 19.85 -10.34
CA SER A 260 21.62 20.72 -10.46
C SER A 260 22.68 20.28 -9.45
N ALA A 261 22.32 20.30 -8.18
CA ALA A 261 23.24 19.92 -7.12
C ALA A 261 23.90 18.62 -7.49
N LEU A 262 23.09 17.63 -7.84
CA LEU A 262 23.57 16.33 -8.31
C LEU A 262 24.59 16.46 -9.46
N GLY A 263 24.25 17.24 -10.48
CA GLY A 263 25.15 17.53 -11.60
C GLY A 263 26.46 18.21 -11.16
N ASN A 264 26.36 19.22 -10.31
CA ASN A 264 27.54 19.90 -9.78
C ASN A 264 28.31 18.93 -8.89
N VAL A 265 27.57 18.14 -8.13
CA VAL A 265 28.16 17.10 -7.34
C VAL A 265 28.74 16.03 -8.24
N ILE A 266 28.22 15.91 -9.47
CA ILE A 266 28.75 14.98 -10.48
C ILE A 266 29.72 15.68 -11.46
N SER A 267 29.90 16.99 -11.32
CA SER A 267 30.90 17.69 -12.12
C SER A 267 32.23 17.76 -11.38
N ALA A 268 32.18 17.95 -10.07
CA ALA A 268 33.37 18.16 -9.25
C ALA A 268 34.10 16.86 -8.90
N LEU A 269 34.52 16.12 -9.93
CA LEU A 269 34.93 14.70 -9.77
C LEU A 269 35.44 13.96 -11.03
N ALA A 270 35.09 14.46 -12.22
CA ALA A 270 35.83 14.10 -13.42
C ALA A 270 37.29 14.52 -13.30
N GLU A 271 37.53 15.56 -12.51
CA GLU A 271 38.87 16.01 -12.12
C GLU A 271 39.26 15.55 -10.70
N GLY A 272 38.35 15.71 -9.74
CA GLY A 272 38.63 15.42 -8.33
C GLY A 272 39.54 16.47 -7.71
N THR A 273 40.66 16.01 -7.14
CA THR A 273 41.74 16.87 -6.62
C THR A 273 41.37 17.51 -5.26
N LYS A 274 41.24 18.84 -5.21
CA LYS A 274 41.02 19.59 -3.97
C LYS A 274 39.60 20.22 -3.92
N THR A 275 38.73 19.84 -4.85
CA THR A 275 37.47 20.58 -5.07
C THR A 275 36.49 20.56 -3.89
N HIS A 276 36.41 19.44 -3.18
CA HIS A 276 35.43 19.27 -2.09
C HIS A 276 34.03 19.54 -2.65
N VAL A 277 33.31 18.47 -2.96
CA VAL A 277 32.01 18.61 -3.63
C VAL A 277 30.98 19.30 -2.74
N PRO A 278 30.06 20.06 -3.35
CA PRO A 278 29.09 20.79 -2.53
C PRO A 278 28.29 19.86 -1.62
N TYR A 279 27.92 18.68 -2.14
CA TYR A 279 27.06 17.70 -1.46
C TYR A 279 25.83 18.35 -0.86
N ARG A 280 26.07 19.19 0.14
CA ARG A 280 25.01 19.85 0.91
C ARG A 280 24.13 20.81 0.10
N ASP A 281 24.44 21.02 -1.18
CA ASP A 281 23.59 21.82 -2.09
C ASP A 281 22.13 21.38 -2.04
N SER A 282 21.90 20.08 -1.95
CA SER A 282 20.55 19.52 -1.83
C SER A 282 20.58 18.36 -0.84
N LYS A 283 19.45 18.17 -0.16
CA LYS A 283 19.19 16.97 0.64
C LYS A 283 19.46 15.63 -0.09
N MET A 284 18.97 15.50 -1.31
CA MET A 284 19.17 14.31 -2.16
C MET A 284 20.64 13.95 -2.21
N THR A 285 21.44 14.87 -2.76
CA THR A 285 22.90 14.73 -2.79
C THR A 285 23.45 14.40 -1.39
N ARG A 286 22.87 15.04 -0.37
CA ARG A 286 23.29 14.84 1.01
C ARG A 286 23.00 13.38 1.41
N ILE A 287 21.85 12.85 1.00
CA ILE A 287 21.52 11.44 1.23
C ILE A 287 22.43 10.54 0.42
N LEU A 288 22.54 10.83 -0.87
CA LEU A 288 23.41 10.07 -1.77
C LEU A 288 24.91 10.40 -1.64
N GLN A 289 25.29 11.18 -0.65
CA GLN A 289 26.70 11.47 -0.42
C GLN A 289 27.52 10.19 -0.59
N ASP A 290 27.16 9.18 0.17
CA ASP A 290 27.93 7.95 0.21
C ASP A 290 27.91 7.23 -1.16
N SER A 291 26.81 7.37 -1.90
CA SER A 291 26.69 6.73 -3.23
C SER A 291 27.61 7.37 -4.26
N LEU A 292 27.85 8.67 -4.07
CA LEU A 292 28.64 9.47 -5.01
C LEU A 292 29.99 9.86 -4.43
N GLY A 293 30.84 8.87 -4.24
CA GLY A 293 32.20 9.07 -3.74
C GLY A 293 32.35 8.64 -2.30
N GLY A 294 31.90 7.43 -2.00
CA GLY A 294 31.91 6.91 -0.63
C GLY A 294 31.97 5.40 -0.62
N ASN A 295 31.62 4.81 0.53
CA ASN A 295 31.59 3.35 0.68
C ASN A 295 30.30 2.78 0.13
N CYS A 296 30.22 2.77 -1.20
CA CYS A 296 29.05 2.26 -1.93
C CYS A 296 29.34 1.92 -3.39
N ARG A 297 28.99 0.70 -3.80
CA ARG A 297 28.95 0.33 -5.22
C ARG A 297 27.73 0.96 -5.95
N THR A 298 27.97 1.96 -6.78
CA THR A 298 26.91 2.70 -7.48
C THR A 298 26.84 2.46 -8.99
N THR A 299 25.63 2.25 -9.47
CA THR A 299 25.37 1.96 -10.87
C THR A 299 24.25 2.85 -11.36
N ILE A 300 24.57 3.79 -12.24
CA ILE A 300 23.57 4.70 -12.75
C ILE A 300 23.03 4.16 -14.07
N VAL A 301 21.72 4.21 -14.25
CA VAL A 301 21.12 3.90 -15.54
C VAL A 301 20.60 5.19 -16.11
N ILE A 302 21.04 5.51 -17.33
CA ILE A 302 20.62 6.73 -18.00
C ILE A 302 19.66 6.33 -19.11
N CYS A 303 18.58 7.06 -19.19
CA CYS A 303 17.51 6.70 -20.09
C CYS A 303 17.41 7.83 -21.08
N CYS A 304 17.27 7.49 -22.35
CA CYS A 304 17.33 8.43 -23.43
C CYS A 304 16.21 8.08 -24.39
N SER A 305 15.66 9.11 -25.04
CA SER A 305 14.77 8.87 -26.15
C SER A 305 15.60 8.66 -27.43
N PRO A 306 15.11 7.79 -28.32
CA PRO A 306 15.68 7.57 -29.62
C PRO A 306 15.25 8.57 -30.74
N SER A 307 14.56 9.66 -30.39
CA SER A 307 14.00 10.59 -31.38
C SER A 307 14.80 11.90 -31.47
N VAL A 308 14.80 12.51 -32.65
CA VAL A 308 15.63 13.72 -32.87
C VAL A 308 15.01 14.95 -32.24
N PHE A 309 13.68 15.01 -32.26
CA PHE A 309 12.90 15.90 -31.38
C PHE A 309 13.64 16.09 -30.05
N ASN A 310 13.93 14.98 -29.37
CA ASN A 310 14.56 15.00 -28.05
C ASN A 310 16.11 15.04 -28.04
N GLU A 311 16.73 15.04 -29.22
CA GLU A 311 18.19 14.87 -29.31
C GLU A 311 18.97 15.70 -28.30
N ALA A 312 18.60 16.97 -28.16
CA ALA A 312 19.36 17.92 -27.36
C ALA A 312 19.61 17.39 -25.96
N GLU A 313 18.53 17.02 -25.29
CA GLU A 313 18.57 16.48 -23.93
C GLU A 313 19.30 15.14 -23.87
N THR A 314 19.01 14.27 -24.87
CA THR A 314 19.68 12.98 -24.96
C THR A 314 21.20 13.16 -24.82
N LYS A 315 21.75 14.20 -25.46
CA LYS A 315 23.20 14.44 -25.41
C LYS A 315 23.68 14.87 -24.02
N SER A 316 22.99 15.79 -23.37
CA SER A 316 23.38 16.23 -22.03
C SER A 316 23.28 15.05 -21.07
N THR A 317 22.19 14.30 -21.19
CA THR A 317 22.07 13.01 -20.52
C THR A 317 23.38 12.22 -20.69
N LEU A 318 23.69 11.89 -21.96
CA LEU A 318 24.91 11.13 -22.28
C LEU A 318 26.18 11.78 -21.70
N MET A 319 26.21 13.10 -21.70
CA MET A 319 27.34 13.82 -21.15
C MET A 319 27.42 13.37 -19.70
N PHE A 320 26.36 13.69 -18.95
CA PHE A 320 26.23 13.36 -17.52
C PHE A 320 26.67 11.94 -17.20
N GLY A 321 26.19 11.01 -18.02
CA GLY A 321 26.65 9.64 -17.95
C GLY A 321 28.15 9.53 -18.12
N GLN A 322 28.63 9.85 -19.33
CA GLN A 322 30.05 9.70 -19.67
C GLN A 322 30.94 10.22 -18.55
N ARG A 323 30.60 11.41 -18.07
CA ARG A 323 31.29 12.02 -16.91
C ARG A 323 31.25 11.11 -15.68
N ALA A 324 30.03 10.67 -15.34
CA ALA A 324 29.82 9.83 -14.16
C ALA A 324 30.76 8.63 -14.07
N LYS A 325 31.06 8.00 -15.20
CA LYS A 325 31.88 6.78 -15.21
C LYS A 325 33.32 7.00 -14.71
N THR A 326 33.76 8.26 -14.77
CA THR A 326 35.10 8.63 -14.32
C THR A 326 35.27 8.49 -12.80
N ILE A 327 34.18 8.66 -12.05
CA ILE A 327 34.25 8.73 -10.58
C ILE A 327 34.62 7.39 -9.94
N LYS A 328 35.40 7.49 -8.86
CA LYS A 328 35.90 6.31 -8.14
C LYS A 328 35.35 6.19 -6.73
N ASN A 329 34.52 5.18 -6.52
CA ASN A 329 34.01 4.89 -5.19
C ASN A 329 35.05 4.02 -4.45
N THR A 330 35.38 4.45 -3.24
CA THR A 330 36.19 3.67 -2.30
C THR A 330 35.24 2.96 -1.34
N VAL A 331 35.25 1.63 -1.38
CA VAL A 331 34.20 0.83 -0.74
C VAL A 331 34.73 -0.17 0.27
N SER A 332 33.97 -0.39 1.33
CA SER A 332 34.32 -1.38 2.35
C SER A 332 33.14 -2.23 2.75
N VAL A 333 33.45 -3.37 3.36
CA VAL A 333 32.46 -4.27 3.95
C VAL A 333 32.00 -3.62 5.25
N ASN A 334 30.69 -3.61 5.48
CA ASN A 334 30.09 -2.91 6.64
C ASN A 334 29.24 -3.84 7.51
N PRO B 4 -27.86 6.79 -12.09
CA PRO B 4 -26.60 7.49 -12.39
C PRO B 4 -25.40 6.86 -11.65
N ALA B 5 -24.80 7.58 -10.69
CA ALA B 5 -23.91 7.00 -9.65
C ALA B 5 -22.82 7.98 -9.15
N GLU B 6 -21.90 7.44 -8.35
CA GLU B 6 -20.53 7.96 -8.10
C GLU B 6 -20.33 8.57 -6.70
N CYS B 7 -19.89 7.74 -5.74
CA CYS B 7 -19.68 8.25 -4.37
C CYS B 7 -18.67 7.49 -3.51
N SER B 8 -17.89 8.28 -2.77
CA SER B 8 -16.74 7.82 -2.02
C SER B 8 -17.06 6.87 -0.90
N ILE B 9 -16.09 6.01 -0.64
CA ILE B 9 -16.10 5.18 0.55
C ILE B 9 -15.86 6.15 1.70
N LYS B 10 -16.73 6.07 2.71
CA LYS B 10 -16.61 6.90 3.91
C LYS B 10 -15.81 6.10 4.89
N VAL B 11 -14.97 6.78 5.66
CA VAL B 11 -14.14 6.14 6.69
C VAL B 11 -14.22 6.99 7.91
N MET B 12 -14.30 6.33 9.06
CA MET B 12 -14.34 6.99 10.32
C MET B 12 -13.44 6.30 11.29
N CYS B 13 -12.81 7.08 12.12
CA CYS B 13 -11.82 6.56 12.98
C CYS B 13 -12.34 6.66 14.40
N ARG B 14 -12.41 5.50 15.05
CA ARG B 14 -12.80 5.39 16.42
C ARG B 14 -11.67 4.95 17.31
N PHE B 15 -11.21 5.82 18.19
CA PHE B 15 -10.32 5.45 19.26
C PHE B 15 -11.10 4.96 20.43
N ARG B 16 -10.70 3.83 20.99
CA ARG B 16 -11.15 3.38 22.31
C ARG B 16 -10.41 4.13 23.43
N PRO B 17 -10.94 4.11 24.68
CA PRO B 17 -10.15 4.68 25.78
C PRO B 17 -8.95 3.80 26.00
N LEU B 18 -8.06 4.19 26.91
CA LEU B 18 -6.96 3.34 27.38
C LEU B 18 -7.52 2.23 28.27
N ASN B 19 -7.30 0.98 27.89
CA ASN B 19 -7.66 -0.15 28.76
C ASN B 19 -6.80 -0.16 30.02
N GLU B 20 -7.33 -0.74 31.10
CA GLU B 20 -6.62 -0.71 32.39
C GLU B 20 -5.15 -1.15 32.26
N ALA B 21 -4.94 -2.17 31.44
CA ALA B 21 -3.60 -2.68 31.11
C ALA B 21 -2.65 -1.57 30.74
N GLU B 22 -3.11 -0.67 29.88
CA GLU B 22 -2.30 0.46 29.42
C GLU B 22 -2.14 1.53 30.53
N ILE B 23 -3.20 1.77 31.29
CA ILE B 23 -3.20 2.88 32.22
C ILE B 23 -2.25 2.67 33.40
N LEU B 24 -2.32 1.53 34.07
CA LEU B 24 -1.52 1.40 35.30
C LEU B 24 -0.03 1.47 35.00
N ARG B 25 0.38 0.98 33.84
CA ARG B 25 1.70 1.32 33.27
C ARG B 25 1.74 2.75 32.68
N GLY B 26 2.94 3.22 32.37
CA GLY B 26 3.14 4.62 31.97
C GLY B 26 2.09 5.18 31.01
N ASP B 27 1.94 4.49 29.89
CA ASP B 27 1.09 4.83 28.74
C ASP B 27 0.38 6.18 28.71
N LYS B 28 0.67 6.90 27.64
CA LYS B 28 0.26 8.26 27.44
C LYS B 28 -0.74 8.34 26.28
N PHE B 29 -1.78 9.13 26.48
CA PHE B 29 -2.81 9.31 25.48
C PHE B 29 -2.37 10.31 24.44
N ILE B 30 -2.02 9.84 23.24
CA ILE B 30 -1.42 10.71 22.25
C ILE B 30 -2.38 11.40 21.27
N PRO B 31 -3.56 10.81 20.99
CA PRO B 31 -4.27 11.54 19.96
C PRO B 31 -4.88 12.85 20.49
N LYS B 32 -5.09 13.78 19.57
CA LYS B 32 -5.66 15.07 19.85
C LYS B 32 -6.77 15.22 18.86
N PHE B 33 -7.97 15.57 19.33
CA PHE B 33 -9.12 15.72 18.44
C PHE B 33 -9.44 17.17 18.09
N LYS B 34 -9.53 17.48 16.81
CA LYS B 34 -9.79 18.84 16.40
C LYS B 34 -10.95 18.88 15.44
N GLY B 35 -12.02 19.56 15.84
CA GLY B 35 -13.28 19.55 15.08
C GLY B 35 -13.85 18.15 15.06
N GLU B 36 -14.89 17.94 14.27
CA GLU B 36 -15.48 16.59 14.12
C GLU B 36 -14.79 15.61 13.16
N GLU B 37 -13.89 16.07 12.30
CA GLU B 37 -13.37 15.19 11.27
C GLU B 37 -11.86 14.95 11.31
N THR B 38 -11.17 15.40 12.35
CA THR B 38 -9.69 15.30 12.32
C THR B 38 -9.02 14.88 13.63
N VAL B 39 -7.89 14.20 13.49
CA VAL B 39 -7.08 13.76 14.64
C VAL B 39 -5.58 14.05 14.39
N VAL B 40 -4.83 14.35 15.45
CA VAL B 40 -3.40 14.65 15.37
C VAL B 40 -2.61 13.75 16.32
N ILE B 41 -1.45 13.28 15.85
CA ILE B 41 -0.52 12.47 16.67
C ILE B 41 0.90 13.13 16.72
N GLY B 42 1.23 13.67 17.88
CA GLY B 42 2.45 14.46 18.06
C GLY B 42 2.88 15.27 16.84
N GLN B 43 3.78 14.66 16.05
CA GLN B 43 4.73 15.41 15.20
C GLN B 43 4.11 16.00 13.93
N GLY B 44 3.54 15.13 13.10
CA GLY B 44 3.21 15.47 11.72
C GLY B 44 1.93 16.23 11.52
N LYS B 45 1.34 16.04 10.35
CA LYS B 45 0.09 16.69 10.01
C LYS B 45 -1.14 15.98 10.59
N PRO B 46 -2.31 16.63 10.46
CA PRO B 46 -3.54 16.03 10.96
C PRO B 46 -4.14 15.14 9.92
N TYR B 47 -4.65 13.99 10.34
CA TYR B 47 -5.39 13.09 9.45
C TYR B 47 -6.82 13.51 9.40
N VAL B 48 -7.39 13.56 8.21
CA VAL B 48 -8.77 13.98 8.02
C VAL B 48 -9.57 12.77 7.59
N PHE B 49 -10.62 12.50 8.34
CA PHE B 49 -11.54 11.42 8.00
C PHE B 49 -12.89 12.02 7.85
N ASP B 50 -13.84 11.20 7.42
CA ASP B 50 -15.20 11.64 7.31
C ASP B 50 -15.69 11.95 8.70
N ARG B 51 -15.21 11.21 9.68
CA ARG B 51 -15.51 11.51 11.06
C ARG B 51 -14.51 10.88 11.98
N VAL B 52 -14.11 11.61 13.02
CA VAL B 52 -13.27 11.06 14.06
C VAL B 52 -14.14 10.94 15.31
N LEU B 53 -14.08 9.82 16.02
CA LEU B 53 -14.98 9.55 17.11
C LEU B 53 -14.17 9.13 18.26
N PRO B 54 -14.03 10.03 19.22
CA PRO B 54 -13.16 9.78 20.40
C PRO B 54 -13.74 8.77 21.34
N PRO B 55 -12.95 8.34 22.33
CA PRO B 55 -13.38 7.31 23.29
C PRO B 55 -14.67 7.61 23.97
N ASN B 56 -14.98 8.89 24.12
CA ASN B 56 -16.09 9.29 24.94
C ASN B 56 -17.42 9.26 24.19
N THR B 57 -17.38 9.03 22.87
CA THR B 57 -18.62 8.94 22.14
C THR B 57 -19.31 7.60 22.36
N THR B 58 -20.62 7.68 22.48
CA THR B 58 -21.44 6.55 22.84
C THR B 58 -21.64 5.63 21.67
N GLN B 59 -22.04 4.42 22.01
CA GLN B 59 -22.45 3.40 21.05
C GLN B 59 -23.54 3.98 20.13
N GLU B 60 -24.56 4.60 20.73
CA GLU B 60 -25.62 5.25 19.94
C GLU B 60 -25.08 6.33 19.05
N GLN B 61 -24.14 7.13 19.55
CA GLN B 61 -23.58 8.19 18.68
C GLN B 61 -22.77 7.64 17.50
N VAL B 62 -22.08 6.54 17.74
CA VAL B 62 -21.36 5.85 16.69
C VAL B 62 -22.29 5.36 15.60
N TYR B 63 -23.33 4.64 16.03
CA TYR B 63 -24.39 4.23 15.10
C TYR B 63 -24.86 5.40 14.22
N ASN B 64 -25.10 6.57 14.79
CA ASN B 64 -25.66 7.64 13.99
C ASN B 64 -24.70 8.17 12.99
N ALA B 65 -23.43 8.09 13.37
CA ALA B 65 -22.38 8.64 12.54
C ALA B 65 -22.09 7.74 11.36
N CYS B 66 -22.13 6.43 11.60
CA CYS B 66 -21.61 5.44 10.64
C CYS B 66 -22.63 4.55 9.93
N ALA B 67 -23.74 4.27 10.60
CA ALA B 67 -24.72 3.26 10.19
C ALA B 67 -26.08 3.78 9.74
N LYS B 68 -26.52 4.91 10.28
CA LYS B 68 -27.91 5.36 10.08
C LYS B 68 -28.16 5.46 8.61
N GLN B 69 -27.29 6.20 7.95
CA GLN B 69 -27.44 6.42 6.53
C GLN B 69 -27.45 5.12 5.76
N ILE B 70 -26.52 4.25 6.09
CA ILE B 70 -26.36 3.00 5.36
C ILE B 70 -27.65 2.21 5.41
N VAL B 71 -28.26 2.15 6.58
CA VAL B 71 -29.55 1.49 6.72
C VAL B 71 -30.62 2.14 5.89
N LYS B 72 -30.61 3.47 5.81
CA LYS B 72 -31.54 4.16 4.91
C LYS B 72 -31.32 3.70 3.49
N ASP B 73 -30.07 3.78 3.02
CA ASP B 73 -29.68 3.35 1.66
C ASP B 73 -30.21 1.96 1.27
N VAL B 74 -30.05 0.97 2.14
CA VAL B 74 -30.53 -0.36 1.81
C VAL B 74 -32.04 -0.40 1.66
N LEU B 75 -32.74 0.44 2.43
CA LEU B 75 -34.21 0.53 2.38
C LEU B 75 -34.68 1.23 1.12
N GLU B 76 -33.82 2.05 0.54
CA GLU B 76 -34.06 2.57 -0.79
C GLU B 76 -33.35 1.73 -1.88
N GLY B 77 -33.04 0.48 -1.58
CA GLY B 77 -32.52 -0.42 -2.60
C GLY B 77 -31.06 -0.32 -3.05
N TYR B 78 -30.19 0.30 -2.25
CA TYR B 78 -28.75 0.24 -2.45
C TYR B 78 -28.10 -0.81 -1.59
N ASN B 79 -27.00 -1.39 -2.06
CA ASN B 79 -26.21 -2.29 -1.25
C ASN B 79 -25.44 -1.40 -0.32
N GLY B 80 -25.05 -1.91 0.85
CA GLY B 80 -24.16 -1.17 1.70
C GLY B 80 -23.38 -2.09 2.59
N THR B 81 -22.24 -1.62 3.07
CA THR B 81 -21.34 -2.46 3.80
C THR B 81 -20.71 -1.65 4.91
N ILE B 82 -20.49 -2.30 6.03
CA ILE B 82 -19.78 -1.70 7.11
C ILE B 82 -18.78 -2.71 7.60
N PHE B 83 -17.53 -2.31 7.71
CA PHE B 83 -16.63 -3.17 8.43
C PHE B 83 -15.66 -2.47 9.34
N ALA B 84 -15.32 -3.16 10.43
CA ALA B 84 -14.35 -2.69 11.36
C ALA B 84 -13.01 -3.28 10.98
N TYR B 85 -11.98 -2.48 11.19
CA TYR B 85 -10.66 -2.74 10.74
C TYR B 85 -9.75 -2.16 11.77
N GLY B 86 -8.75 -2.92 12.20
CA GLY B 86 -7.76 -2.41 13.13
C GLY B 86 -7.11 -3.43 13.99
N GLN B 87 -6.20 -2.99 14.83
CA GLN B 87 -5.43 -3.98 15.51
C GLN B 87 -6.28 -4.66 16.53
N THR B 88 -5.85 -5.86 16.88
CA THR B 88 -6.48 -6.69 17.88
C THR B 88 -6.64 -5.87 19.12
N SER B 89 -7.85 -5.91 19.67
CA SER B 89 -8.27 -5.14 20.87
C SER B 89 -8.46 -3.63 20.71
N SER B 90 -8.47 -3.10 19.49
CA SER B 90 -8.70 -1.65 19.31
C SER B 90 -10.17 -1.29 19.42
N GLY B 91 -11.04 -2.30 19.44
CA GLY B 91 -12.45 -2.14 19.70
C GLY B 91 -13.36 -2.47 18.55
N LYS B 92 -12.86 -3.23 17.60
CA LYS B 92 -13.66 -3.70 16.47
C LYS B 92 -14.96 -4.39 16.88
N THR B 93 -14.87 -5.36 17.78
CA THR B 93 -16.04 -6.12 18.15
C THR B 93 -16.99 -5.27 18.99
N HIS B 94 -16.43 -4.47 19.88
CA HIS B 94 -17.20 -3.49 20.60
C HIS B 94 -18.06 -2.64 19.68
N THR B 95 -17.44 -2.08 18.65
CA THR B 95 -18.17 -1.20 17.77
C THR B 95 -19.22 -1.96 16.95
N MET B 96 -18.91 -3.19 16.54
CA MET B 96 -19.75 -3.98 15.62
C MET B 96 -20.86 -4.76 16.32
N GLU B 97 -20.59 -5.25 17.51
CA GLU B 97 -21.65 -5.91 18.24
C GLU B 97 -21.81 -5.46 19.69
N GLY B 98 -20.73 -5.16 20.38
CA GLY B 98 -20.86 -4.69 21.74
C GLY B 98 -21.54 -5.71 22.64
N LYS B 99 -22.24 -5.22 23.65
CA LYS B 99 -23.00 -6.09 24.51
C LYS B 99 -24.37 -6.17 23.85
N LEU B 100 -24.64 -7.32 23.24
CA LEU B 100 -25.74 -7.51 22.29
C LEU B 100 -27.12 -7.09 22.78
N HIS B 101 -27.43 -7.37 24.04
CA HIS B 101 -28.79 -7.11 24.51
C HIS B 101 -28.97 -5.88 25.40
N ASP B 102 -27.85 -5.28 25.80
CA ASP B 102 -27.83 -4.03 26.56
C ASP B 102 -28.03 -2.82 25.65
N PRO B 103 -29.10 -2.03 25.88
CA PRO B 103 -29.39 -0.90 24.97
C PRO B 103 -28.48 0.33 25.10
N GLN B 104 -27.70 0.47 26.16
CA GLN B 104 -26.78 1.60 26.18
C GLN B 104 -25.59 1.11 25.39
N LEU B 105 -25.19 -0.13 25.67
CA LEU B 105 -23.93 -0.70 25.20
C LEU B 105 -23.95 -1.55 23.91
N MET B 106 -25.10 -1.83 23.32
CA MET B 106 -25.14 -2.65 22.09
C MET B 106 -24.48 -1.93 20.95
N GLY B 107 -23.99 -2.64 19.96
CA GLY B 107 -23.25 -2.01 18.88
C GLY B 107 -23.97 -1.96 17.58
N ILE B 108 -23.22 -1.87 16.49
CA ILE B 108 -23.84 -1.54 15.24
C ILE B 108 -24.87 -2.58 14.85
N ILE B 109 -24.55 -3.85 15.07
CA ILE B 109 -25.40 -4.90 14.53
C ILE B 109 -26.80 -4.95 15.16
N PRO B 110 -26.87 -5.17 16.48
CA PRO B 110 -28.14 -5.09 17.17
C PRO B 110 -28.87 -3.83 16.74
N ARG B 111 -28.19 -2.72 16.75
CA ARG B 111 -28.86 -1.51 16.41
C ARG B 111 -29.44 -1.53 15.04
N ILE B 112 -28.79 -2.24 14.12
CA ILE B 112 -29.30 -2.27 12.75
C ILE B 112 -30.56 -3.12 12.72
N ALA B 113 -30.51 -4.25 13.43
CA ALA B 113 -31.63 -5.16 13.53
C ALA B 113 -32.88 -4.35 13.88
N HIS B 114 -32.77 -3.54 14.94
CA HIS B 114 -33.84 -2.68 15.38
C HIS B 114 -34.16 -1.54 14.42
N ASP B 115 -33.16 -0.86 13.93
CA ASP B 115 -33.48 0.30 13.12
C ASP B 115 -34.22 -0.13 11.83
N ILE B 116 -33.91 -1.30 11.31
CA ILE B 116 -34.51 -1.72 10.04
C ILE B 116 -35.98 -2.00 10.23
N PHE B 117 -36.29 -2.78 11.25
CA PHE B 117 -37.63 -3.05 11.56
C PHE B 117 -38.41 -1.83 12.11
N ASP B 118 -37.76 -0.91 12.81
CA ASP B 118 -38.44 0.34 13.15
C ASP B 118 -38.88 1.09 11.87
N HIS B 119 -38.04 1.12 10.85
CA HIS B 119 -38.44 1.74 9.59
C HIS B 119 -39.56 0.97 8.88
N ILE B 120 -39.44 -0.35 8.82
CA ILE B 120 -40.36 -1.17 8.05
C ILE B 120 -41.80 -1.07 8.60
N TYR B 121 -41.95 -1.40 9.88
CA TYR B 121 -43.18 -1.23 10.66
C TYR B 121 -43.87 0.10 10.45
N SER B 122 -43.09 1.14 10.19
CA SER B 122 -43.62 2.49 9.97
C SER B 122 -44.08 2.78 8.57
N MET B 123 -43.80 1.90 7.63
CA MET B 123 -44.09 2.24 6.23
C MET B 123 -45.51 1.84 5.88
N ASP B 124 -46.03 2.45 4.82
CA ASP B 124 -47.32 2.08 4.24
C ASP B 124 -47.45 0.55 4.13
N GLU B 125 -48.69 0.08 4.19
CA GLU B 125 -49.01 -1.35 4.13
C GLU B 125 -48.91 -1.89 2.72
N ASN B 126 -49.25 -1.09 1.73
CA ASN B 126 -48.98 -1.51 0.37
C ASN B 126 -47.51 -1.39 0.38
N LEU B 127 -46.78 -2.49 0.21
CA LEU B 127 -45.30 -2.43 0.28
C LEU B 127 -44.68 -3.46 1.23
N GLU B 128 -44.44 -4.68 0.74
CA GLU B 128 -44.02 -5.77 1.60
C GLU B 128 -42.52 -5.98 1.54
N PHE B 129 -41.98 -6.41 2.65
CA PHE B 129 -40.56 -6.56 2.81
C PHE B 129 -40.31 -8.02 3.11
N HIS B 130 -39.19 -8.53 2.60
CA HIS B 130 -38.69 -9.80 3.04
C HIS B 130 -37.24 -9.57 3.38
N ILE B 131 -36.82 -10.23 4.44
CA ILE B 131 -35.55 -10.02 4.98
C ILE B 131 -35.06 -11.40 5.33
N LYS B 132 -33.92 -11.75 4.79
CA LYS B 132 -33.32 -13.03 5.06
C LYS B 132 -31.90 -12.70 5.41
N VAL B 133 -31.36 -13.44 6.36
CA VAL B 133 -30.04 -13.17 6.89
C VAL B 133 -29.19 -14.43 6.85
N SER B 134 -27.89 -14.20 6.80
CA SER B 134 -26.91 -15.27 6.89
C SER B 134 -25.73 -14.74 7.68
N TYR B 135 -25.02 -15.67 8.32
CA TYR B 135 -23.98 -15.37 9.26
C TYR B 135 -22.91 -16.44 9.19
N PHE B 136 -21.68 -16.02 8.95
CA PHE B 136 -20.57 -16.95 8.76
C PHE B 136 -19.19 -16.35 8.98
N GLU B 137 -18.25 -17.17 9.42
CA GLU B 137 -16.87 -16.74 9.60
C GLU B 137 -15.94 -17.26 8.54
N ILE B 138 -14.84 -16.55 8.36
CA ILE B 138 -13.77 -16.97 7.51
C ILE B 138 -12.54 -17.16 8.38
N TYR B 139 -11.86 -18.27 8.14
CA TYR B 139 -10.66 -18.62 8.85
C TYR B 139 -9.78 -19.41 7.90
N LEU B 140 -8.50 -19.07 7.86
CA LEU B 140 -7.57 -19.67 6.92
C LEU B 140 -8.20 -19.79 5.53
N ASP B 141 -8.63 -18.65 5.00
CA ASP B 141 -9.20 -18.52 3.64
C ASP B 141 -10.37 -19.45 3.40
N LYS B 142 -10.97 -19.95 4.48
CA LYS B 142 -11.99 -20.96 4.40
C LYS B 142 -13.26 -20.48 5.11
N ILE B 143 -14.41 -20.68 4.46
CA ILE B 143 -15.71 -20.21 4.95
C ILE B 143 -16.49 -21.26 5.76
N ARG B 144 -16.59 -21.10 7.08
CA ARG B 144 -17.49 -21.90 7.95
C ARG B 144 -18.82 -21.17 8.25
N ASP B 145 -19.93 -21.90 8.19
CA ASP B 145 -21.26 -21.32 8.35
C ASP B 145 -21.69 -21.37 9.82
N LEU B 146 -21.98 -20.23 10.42
CA LEU B 146 -22.23 -20.19 11.88
C LEU B 146 -23.65 -20.63 12.25
N LEU B 147 -24.48 -20.81 11.24
CA LEU B 147 -25.78 -21.43 11.43
C LEU B 147 -25.75 -22.96 11.23
N ASP B 148 -24.71 -23.45 10.55
CA ASP B 148 -24.57 -24.85 10.19
C ASP B 148 -23.12 -25.32 10.29
N VAL B 149 -22.69 -25.67 11.49
CA VAL B 149 -21.29 -26.12 11.76
C VAL B 149 -20.73 -27.23 10.84
N SER B 150 -21.60 -28.01 10.21
CA SER B 150 -21.16 -29.07 9.30
C SER B 150 -20.61 -28.54 7.98
N LYS B 151 -21.12 -27.39 7.53
CA LYS B 151 -20.58 -26.74 6.33
C LYS B 151 -19.37 -25.91 6.75
N THR B 152 -18.16 -26.48 6.64
CA THR B 152 -16.92 -25.79 7.03
C THR B 152 -16.07 -25.30 5.86
N ASN B 153 -16.54 -25.44 4.63
CA ASN B 153 -15.77 -25.01 3.48
C ASN B 153 -16.70 -24.60 2.37
N LEU B 154 -17.55 -23.61 2.62
CA LEU B 154 -18.41 -23.07 1.57
C LEU B 154 -17.54 -22.42 0.52
N ALA B 155 -18.11 -22.25 -0.66
CA ALA B 155 -17.36 -21.73 -1.77
C ALA B 155 -18.09 -20.57 -2.45
N VAL B 156 -17.29 -19.60 -2.89
CA VAL B 156 -17.80 -18.41 -3.52
C VAL B 156 -18.07 -18.75 -4.96
N HIS B 157 -19.30 -18.56 -5.40
CA HIS B 157 -19.62 -18.60 -6.80
C HIS B 157 -19.92 -17.18 -7.25
N GLU B 158 -20.47 -17.01 -8.43
CA GLU B 158 -20.60 -15.70 -9.03
C GLU B 158 -21.85 -15.69 -9.90
N ASP B 159 -22.94 -15.16 -9.35
CA ASP B 159 -24.27 -15.16 -9.97
C ASP B 159 -24.29 -14.42 -11.29
N LYS B 160 -25.41 -14.53 -11.99
CA LYS B 160 -25.72 -13.66 -13.10
C LYS B 160 -25.21 -12.24 -12.77
N ASN B 161 -24.75 -11.52 -13.80
CA ASN B 161 -24.14 -10.19 -13.63
C ASN B 161 -22.96 -10.20 -12.65
N ARG B 162 -21.87 -10.87 -13.00
CA ARG B 162 -20.71 -10.95 -12.10
C ARG B 162 -21.14 -11.31 -10.67
N VAL B 163 -20.75 -10.50 -9.69
CA VAL B 163 -21.25 -10.50 -8.28
C VAL B 163 -20.99 -11.74 -7.44
N PRO B 164 -19.74 -11.90 -7.01
CA PRO B 164 -19.42 -13.06 -6.17
C PRO B 164 -20.31 -13.17 -4.94
N TYR B 165 -20.69 -14.38 -4.55
CA TYR B 165 -21.48 -14.60 -3.34
C TYR B 165 -21.13 -15.93 -2.71
N VAL B 166 -21.57 -16.14 -1.47
CA VAL B 166 -21.29 -17.39 -0.81
C VAL B 166 -22.39 -18.37 -1.16
N LYS B 167 -22.07 -19.38 -1.97
CA LYS B 167 -23.06 -20.39 -2.34
C LYS B 167 -23.34 -21.35 -1.21
N GLY B 168 -24.61 -21.70 -1.08
CA GLY B 168 -25.04 -22.73 -0.15
C GLY B 168 -25.05 -22.31 1.30
N CYS B 169 -25.18 -21.00 1.54
CA CYS B 169 -25.12 -20.51 2.91
C CYS B 169 -26.47 -20.63 3.57
N THR B 170 -26.51 -21.12 4.80
CA THR B 170 -27.82 -21.20 5.42
C THR B 170 -28.38 -19.80 5.54
N GLU B 171 -29.65 -19.67 5.18
CA GLU B 171 -30.34 -18.38 5.05
C GLU B 171 -31.58 -18.44 5.90
N ARG B 172 -31.77 -17.48 6.81
CA ARG B 172 -32.88 -17.57 7.75
C ARG B 172 -33.75 -16.34 7.65
N PHE B 173 -35.04 -16.55 7.48
CA PHE B 173 -35.98 -15.45 7.27
C PHE B 173 -36.37 -14.89 8.62
N VAL B 174 -36.41 -13.57 8.70
CA VAL B 174 -36.66 -12.84 9.94
C VAL B 174 -37.69 -11.70 9.70
N SER B 175 -38.51 -11.46 10.71
CA SER B 175 -39.56 -10.43 10.67
C SER B 175 -39.43 -9.38 11.76
N SER B 176 -38.96 -9.78 12.92
CA SER B 176 -38.74 -8.88 14.01
C SER B 176 -37.24 -8.74 14.30
N PRO B 177 -36.87 -7.70 15.07
CA PRO B 177 -35.53 -7.58 15.52
C PRO B 177 -35.10 -8.71 16.40
N GLU B 178 -36.05 -9.22 17.16
CA GLU B 178 -35.76 -10.26 18.16
C GLU B 178 -35.38 -11.56 17.44
N GLU B 179 -35.90 -11.79 16.24
CA GLU B 179 -35.49 -12.95 15.43
C GLU B 179 -34.03 -12.84 14.98
N VAL B 180 -33.68 -11.70 14.39
CA VAL B 180 -32.27 -11.37 14.07
C VAL B 180 -31.30 -11.62 15.26
N MET B 181 -31.69 -11.18 16.46
CA MET B 181 -30.84 -11.45 17.62
C MET B 181 -30.71 -12.95 17.88
N ASP B 182 -31.81 -13.68 17.73
CA ASP B 182 -31.77 -15.13 17.92
C ASP B 182 -30.70 -15.69 16.98
N VAL B 183 -30.73 -15.25 15.71
CA VAL B 183 -29.76 -15.72 14.71
C VAL B 183 -28.34 -15.47 15.19
N ILE B 184 -28.10 -14.28 15.75
CA ILE B 184 -26.76 -13.89 16.11
C ILE B 184 -26.31 -14.71 17.29
N ASP B 185 -27.17 -14.82 18.31
CA ASP B 185 -26.89 -15.60 19.51
C ASP B 185 -26.60 -17.05 19.08
N GLU B 186 -27.33 -17.55 18.10
CA GLU B 186 -27.16 -18.93 17.68
C GLU B 186 -25.77 -19.05 17.06
N GLY B 187 -25.49 -18.21 16.07
CA GLY B 187 -24.17 -18.14 15.43
C GLY B 187 -22.99 -17.85 16.37
N LYS B 188 -23.23 -17.11 17.45
CA LYS B 188 -22.15 -16.77 18.36
C LYS B 188 -21.78 -18.03 19.13
N ALA B 189 -22.80 -18.83 19.44
CA ALA B 189 -22.63 -20.05 20.22
C ALA B 189 -21.85 -21.12 19.44
N ASN B 190 -22.26 -21.39 18.20
CA ASN B 190 -21.58 -22.37 17.37
C ASN B 190 -20.15 -21.93 17.02
N ARG B 191 -19.27 -21.99 18.00
CA ARG B 191 -17.96 -21.39 17.88
C ARG B 191 -17.06 -21.90 19.02
N ALA B 194 -16.45 -25.06 17.81
CA ALA B 194 -15.36 -26.01 17.58
C ALA B 194 -13.96 -25.39 17.80
N VAL B 195 -13.77 -24.78 18.96
CA VAL B 195 -12.58 -23.96 19.25
C VAL B 195 -12.18 -24.13 20.72
N THR B 196 -10.91 -23.82 21.03
CA THR B 196 -10.42 -23.77 22.41
C THR B 196 -9.83 -22.38 22.76
N ASN B 197 -10.30 -21.80 23.87
CA ASN B 197 -9.94 -20.43 24.38
C ASN B 197 -10.73 -19.28 23.70
N MET B 198 -10.86 -19.34 22.36
CA MET B 198 -11.71 -18.44 21.53
C MET B 198 -11.20 -17.01 21.28
N ASN B 199 -10.42 -16.44 22.20
CA ASN B 199 -9.82 -15.11 21.99
C ASN B 199 -8.76 -15.12 20.88
N GLU B 200 -8.03 -16.24 20.77
CA GLU B 200 -7.07 -16.42 19.68
C GLU B 200 -7.78 -16.59 18.35
N HIS B 201 -8.90 -17.33 18.35
CA HIS B 201 -9.66 -17.55 17.12
C HIS B 201 -10.46 -16.33 16.66
N SER B 202 -11.09 -15.61 17.59
CA SER B 202 -11.76 -14.34 17.28
C SER B 202 -10.83 -13.45 16.46
N SER B 203 -9.67 -13.14 17.04
CA SER B 203 -8.52 -12.65 16.28
C SER B 203 -8.14 -13.81 15.37
N ARG B 204 -7.55 -13.49 14.23
CA ARG B 204 -7.31 -14.46 13.17
C ARG B 204 -8.54 -14.69 12.30
N SER B 205 -9.74 -14.81 12.87
CA SER B 205 -10.98 -15.03 12.04
C SER B 205 -11.75 -13.72 11.66
N HIS B 206 -12.81 -13.85 10.87
CA HIS B 206 -13.57 -12.74 10.31
C HIS B 206 -15.07 -13.02 10.33
N SER B 207 -15.84 -12.22 11.05
CA SER B 207 -17.26 -12.46 11.11
C SER B 207 -17.95 -11.65 10.02
N ILE B 208 -18.81 -12.31 9.24
CA ILE B 208 -19.68 -11.67 8.26
C ILE B 208 -21.14 -11.98 8.56
N PHE B 209 -21.91 -10.93 8.76
CA PHE B 209 -23.34 -11.04 8.95
C PHE B 209 -23.92 -10.38 7.74
N LEU B 210 -24.77 -11.11 7.03
CA LEU B 210 -25.31 -10.65 5.78
C LEU B 210 -26.79 -10.55 5.93
N ILE B 211 -27.36 -9.48 5.39
CA ILE B 211 -28.76 -9.19 5.53
C ILE B 211 -29.26 -8.78 4.19
N ASN B 212 -30.16 -9.58 3.65
CA ASN B 212 -30.70 -9.37 2.34
C ASN B 212 -32.07 -8.80 2.57
N ILE B 213 -32.38 -7.70 1.89
CA ILE B 213 -33.58 -6.95 2.15
C ILE B 213 -34.27 -6.60 0.84
N LYS B 214 -35.42 -7.24 0.62
CA LYS B 214 -36.16 -7.04 -0.59
C LYS B 214 -37.48 -6.41 -0.26
N GLN B 215 -37.91 -5.49 -1.13
CA GLN B 215 -39.18 -4.85 -1.00
C GLN B 215 -39.92 -4.68 -2.35
N GLU B 216 -41.23 -4.97 -2.32
CA GLU B 216 -42.10 -4.76 -3.47
C GLU B 216 -43.19 -3.82 -3.09
N ASN B 217 -43.40 -2.78 -3.90
CA ASN B 217 -44.61 -1.95 -3.78
C ASN B 217 -45.84 -2.66 -4.35
N VAL B 218 -46.59 -3.30 -3.47
CA VAL B 218 -47.68 -4.17 -3.91
C VAL B 218 -48.61 -3.53 -4.95
N GLU B 219 -48.91 -2.24 -4.81
CA GLU B 219 -49.76 -1.60 -5.82
C GLU B 219 -49.01 -1.48 -7.15
N THR B 220 -48.02 -0.59 -7.23
CA THR B 220 -47.27 -0.36 -8.49
C THR B 220 -46.38 -1.52 -8.96
N GLU B 221 -46.15 -2.53 -8.12
CA GLU B 221 -45.34 -3.71 -8.46
C GLU B 221 -43.82 -3.43 -8.63
N LYS B 222 -43.37 -2.20 -8.39
CA LYS B 222 -41.95 -1.83 -8.55
C LYS B 222 -41.07 -2.31 -7.38
N LYS B 223 -40.01 -3.04 -7.71
CA LYS B 223 -39.23 -3.76 -6.71
C LYS B 223 -37.82 -3.17 -6.51
N LEU B 224 -37.38 -3.16 -5.26
CA LEU B 224 -36.06 -2.72 -4.90
C LEU B 224 -35.39 -3.83 -4.11
N SER B 225 -34.06 -3.76 -3.97
CA SER B 225 -33.33 -4.73 -3.13
C SER B 225 -31.97 -4.22 -2.63
N GLY B 226 -31.38 -4.98 -1.72
CA GLY B 226 -30.04 -4.67 -1.25
C GLY B 226 -29.48 -5.67 -0.26
N LYS B 227 -28.17 -5.83 -0.28
CA LYS B 227 -27.44 -6.63 0.65
C LYS B 227 -26.70 -5.69 1.60
N LEU B 228 -26.65 -6.08 2.86
CA LEU B 228 -25.96 -5.30 3.79
C LEU B 228 -25.02 -6.24 4.47
N TYR B 229 -23.74 -6.04 4.18
CA TYR B 229 -22.67 -6.80 4.77
C TYR B 229 -22.15 -6.11 6.01
N LEU B 230 -21.97 -6.88 7.05
CA LEU B 230 -21.53 -6.36 8.30
C LEU B 230 -20.41 -7.25 8.76
N VAL B 231 -19.20 -6.72 8.71
CA VAL B 231 -18.01 -7.55 8.83
C VAL B 231 -17.17 -7.07 9.97
N ASP B 232 -16.77 -8.01 10.81
CA ASP B 232 -15.84 -7.77 11.91
C ASP B 232 -14.50 -8.50 11.66
N LEU B 233 -13.55 -7.81 11.05
CA LEU B 233 -12.28 -8.42 10.62
C LEU B 233 -11.38 -8.77 11.76
N ALA B 234 -10.28 -9.43 11.41
CA ALA B 234 -9.25 -9.85 12.34
C ALA B 234 -8.25 -8.73 12.44
N GLY B 235 -7.35 -8.88 13.38
CA GLY B 235 -6.41 -7.84 13.72
C GLY B 235 -5.52 -7.55 12.54
N SER B 236 -5.28 -6.28 12.30
CA SER B 236 -4.52 -5.83 11.14
C SER B 236 -3.02 -5.87 11.45
N GLU B 237 -2.66 -6.23 12.67
CA GLU B 237 -1.25 -6.31 13.05
C GLU B 237 -0.62 -7.57 12.47
N LYS B 238 -1.44 -8.44 11.92
CA LYS B 238 -0.93 -9.61 11.21
C LYS B 238 -0.61 -9.34 9.73
N VAL B 239 -0.51 -8.08 9.34
CA VAL B 239 -0.36 -7.70 7.93
C VAL B 239 0.32 -6.32 7.71
N SER B 240 0.17 -5.38 8.62
CA SER B 240 1.04 -4.19 8.65
C SER B 240 2.51 -4.66 8.79
N LYS B 241 3.41 -3.84 9.30
CA LYS B 241 4.71 -4.40 9.67
C LYS B 241 5.48 -3.59 10.71
N THR B 242 5.71 -4.21 11.86
CA THR B 242 6.61 -3.70 12.91
C THR B 242 6.88 -4.81 13.97
N GLY B 243 8.12 -4.92 14.43
CA GLY B 243 8.50 -5.97 15.42
C GLY B 243 8.92 -7.30 14.78
N ALA B 244 10.16 -7.34 14.27
CA ALA B 244 10.63 -8.42 13.39
C ALA B 244 11.72 -9.31 13.97
N GLU B 245 12.31 -10.13 13.09
CA GLU B 245 13.46 -10.98 13.42
C GLU B 245 14.04 -11.69 12.18
N GLY B 246 13.21 -11.99 11.17
CA GLY B 246 13.72 -12.55 9.90
C GLY B 246 12.87 -13.50 9.08
N ALA B 247 11.81 -14.06 9.69
CA ALA B 247 10.80 -14.83 8.97
C ALA B 247 9.55 -15.02 9.84
N ASN B 256 -3.14 -15.84 7.29
CA ASN B 256 -2.54 -14.58 7.73
C ASN B 256 -2.26 -13.58 6.61
N LYS B 257 -3.27 -13.15 5.83
CA LYS B 257 -4.66 -13.58 5.93
C LYS B 257 -5.40 -13.16 4.64
N SER B 258 -6.68 -12.80 4.79
CA SER B 258 -7.48 -12.04 3.83
C SER B 258 -7.29 -10.53 4.08
N LEU B 259 -6.60 -10.21 5.17
CA LEU B 259 -6.12 -8.86 5.35
C LEU B 259 -5.24 -8.47 4.18
N SER B 260 -4.23 -9.30 3.88
CA SER B 260 -3.31 -9.05 2.75
C SER B 260 -4.04 -8.69 1.48
N ALA B 261 -4.94 -9.58 1.08
CA ALA B 261 -5.73 -9.36 -0.15
C ALA B 261 -6.40 -8.02 -0.03
N LEU B 262 -7.03 -7.81 1.14
CA LEU B 262 -7.75 -6.59 1.41
C LEU B 262 -6.88 -5.37 1.15
N GLY B 263 -5.72 -5.34 1.79
CA GLY B 263 -4.70 -4.31 1.47
C GLY B 263 -4.49 -4.17 -0.05
N ASN B 264 -4.19 -5.27 -0.73
CA ASN B 264 -3.88 -5.17 -2.16
C ASN B 264 -5.02 -4.59 -2.96
N VAL B 265 -6.24 -4.94 -2.56
CA VAL B 265 -7.40 -4.37 -3.24
C VAL B 265 -7.46 -2.89 -2.88
N ILE B 266 -7.35 -2.59 -1.59
CA ILE B 266 -7.46 -1.20 -1.22
C ILE B 266 -6.36 -0.40 -1.96
N SER B 267 -5.10 -0.85 -1.87
CA SER B 267 -3.99 -0.22 -2.61
C SER B 267 -4.29 -0.12 -4.11
N ALA B 268 -4.73 -1.23 -4.71
CA ALA B 268 -5.05 -1.21 -6.14
C ALA B 268 -6.05 -0.12 -6.50
N LEU B 269 -7.20 -0.10 -5.81
CA LEU B 269 -8.28 0.86 -6.16
C LEU B 269 -7.84 2.26 -5.87
N ALA B 270 -7.03 2.44 -4.83
CA ALA B 270 -6.58 3.77 -4.46
C ALA B 270 -5.68 4.44 -5.54
N GLU B 271 -4.85 3.64 -6.21
CA GLU B 271 -4.11 4.10 -7.40
C GLU B 271 -5.05 4.07 -8.60
N GLY B 272 -6.01 3.16 -8.55
CA GLY B 272 -6.69 2.65 -9.74
C GLY B 272 -7.47 3.53 -10.69
N THR B 273 -8.02 2.85 -11.70
CA THR B 273 -8.79 3.38 -12.85
C THR B 273 -8.32 2.59 -14.08
N LYS B 274 -7.00 2.41 -14.18
CA LYS B 274 -6.33 1.63 -15.22
C LYS B 274 -5.72 0.32 -14.69
N THR B 275 -5.88 0.09 -13.39
CA THR B 275 -5.20 -0.99 -12.67
C THR B 275 -6.05 -2.26 -12.51
N HIS B 276 -5.36 -3.40 -12.47
CA HIS B 276 -6.01 -4.66 -12.12
C HIS B 276 -6.19 -4.65 -10.60
N VAL B 277 -7.36 -5.07 -10.18
CA VAL B 277 -7.67 -5.17 -8.77
C VAL B 277 -7.70 -6.64 -8.43
N PRO B 278 -6.83 -7.06 -7.48
CA PRO B 278 -6.67 -8.45 -6.99
C PRO B 278 -7.80 -9.01 -6.14
N TYR B 279 -9.04 -8.76 -6.55
CA TYR B 279 -10.20 -9.31 -5.85
C TYR B 279 -10.04 -10.78 -5.62
N ARG B 280 -9.46 -11.46 -6.63
CA ARG B 280 -9.36 -12.92 -6.66
C ARG B 280 -8.48 -13.51 -5.57
N ASP B 281 -7.59 -12.69 -5.00
CA ASP B 281 -6.63 -13.12 -3.99
C ASP B 281 -7.20 -13.72 -2.72
N SER B 282 -8.47 -13.49 -2.42
CA SER B 282 -9.09 -14.22 -1.29
C SER B 282 -10.57 -14.34 -1.49
N LYS B 283 -11.15 -15.23 -0.71
CA LYS B 283 -12.60 -15.40 -0.75
C LYS B 283 -13.29 -14.14 -0.23
N MET B 284 -12.74 -13.57 0.83
CA MET B 284 -13.22 -12.30 1.36
C MET B 284 -13.26 -11.22 0.27
N THR B 285 -12.13 -10.93 -0.31
CA THR B 285 -12.07 -9.83 -1.28
C THR B 285 -13.01 -10.05 -2.46
N ARG B 286 -13.40 -11.29 -2.68
CA ARG B 286 -14.37 -11.63 -3.72
C ARG B 286 -15.77 -11.30 -3.20
N ILE B 287 -16.10 -11.86 -2.05
CA ILE B 287 -17.33 -11.51 -1.37
C ILE B 287 -17.52 -10.01 -1.34
N LEU B 288 -16.45 -9.27 -1.01
CA LEU B 288 -16.53 -7.81 -0.87
C LEU B 288 -16.25 -7.06 -2.17
N GLN B 289 -16.26 -7.76 -3.27
CA GLN B 289 -15.95 -7.15 -4.54
C GLN B 289 -16.79 -5.89 -4.75
N ASP B 290 -18.12 -6.02 -4.90
CA ASP B 290 -19.02 -4.84 -4.99
C ASP B 290 -18.65 -3.75 -3.96
N SER B 291 -18.53 -4.14 -2.69
CA SER B 291 -18.31 -3.18 -1.62
C SER B 291 -17.10 -2.30 -1.88
N LEU B 292 -16.00 -2.92 -2.27
CA LEU B 292 -14.76 -2.19 -2.56
C LEU B 292 -14.68 -1.72 -4.04
N GLY B 293 -15.23 -2.51 -4.92
CA GLY B 293 -15.22 -2.17 -6.34
C GLY B 293 -16.20 -1.07 -6.67
N GLY B 294 -17.48 -1.42 -6.62
CA GLY B 294 -18.54 -0.51 -6.98
C GLY B 294 -19.92 -1.07 -6.67
N ASN B 295 -20.93 -0.30 -6.99
CA ASN B 295 -22.32 -0.59 -6.63
C ASN B 295 -22.57 -1.06 -5.22
N CYS B 296 -22.07 -0.26 -4.28
CA CYS B 296 -22.32 -0.44 -2.88
C CYS B 296 -21.97 0.86 -2.22
N ARG B 297 -22.66 1.19 -1.14
CA ARG B 297 -22.26 2.32 -0.32
C ARG B 297 -21.61 1.75 0.92
N THR B 298 -20.33 2.13 1.12
CA THR B 298 -19.44 1.46 2.05
C THR B 298 -18.80 2.43 3.05
N THR B 299 -18.77 1.99 4.30
CA THR B 299 -18.27 2.79 5.38
C THR B 299 -17.42 1.85 6.16
N ILE B 300 -16.19 2.22 6.43
CA ILE B 300 -15.26 1.38 7.15
C ILE B 300 -15.03 2.15 8.42
N VAL B 301 -14.88 1.44 9.52
CA VAL B 301 -14.66 2.08 10.75
C VAL B 301 -13.35 1.54 11.20
N ILE B 302 -12.38 2.43 11.26
CA ILE B 302 -11.07 2.05 11.73
C ILE B 302 -11.03 2.32 13.22
N CYS B 303 -10.75 1.28 13.97
CA CYS B 303 -10.61 1.34 15.39
C CYS B 303 -9.14 1.37 15.69
N CYS B 304 -8.73 2.22 16.65
CA CYS B 304 -7.32 2.48 16.99
C CYS B 304 -7.19 2.59 18.50
N SER B 305 -6.17 1.94 19.06
CA SER B 305 -5.74 2.25 20.43
C SER B 305 -5.17 3.67 20.47
N PRO B 306 -5.19 4.32 21.64
CA PRO B 306 -4.60 5.64 21.65
C PRO B 306 -3.22 5.67 22.33
N SER B 307 -2.79 4.52 22.87
CA SER B 307 -1.47 4.40 23.48
C SER B 307 -0.34 4.68 22.49
N VAL B 308 0.65 5.43 22.99
CA VAL B 308 1.95 5.62 22.32
C VAL B 308 2.64 4.30 22.00
N PHE B 309 2.43 3.31 22.86
CA PHE B 309 2.95 1.96 22.66
C PHE B 309 2.44 1.29 21.40
N ASN B 310 1.32 1.76 20.86
CA ASN B 310 0.76 1.17 19.65
C ASN B 310 0.73 2.21 18.54
N GLU B 311 1.55 3.25 18.66
CA GLU B 311 1.56 4.31 17.69
C GLU B 311 1.96 3.81 16.29
N ALA B 312 2.82 2.80 16.25
CA ALA B 312 3.25 2.25 14.97
C ALA B 312 2.04 1.67 14.24
N GLU B 313 1.36 0.76 14.92
CA GLU B 313 0.14 0.15 14.37
C GLU B 313 -0.91 1.20 14.01
N THR B 314 -1.10 2.15 14.93
CA THR B 314 -2.15 3.10 14.78
C THR B 314 -1.94 3.86 13.49
N LYS B 315 -0.69 4.12 13.18
CA LYS B 315 -0.37 4.88 11.97
C LYS B 315 -0.60 4.07 10.69
N SER B 316 -0.38 2.75 10.74
CA SER B 316 -0.73 1.92 9.56
C SER B 316 -2.24 1.95 9.37
N THR B 317 -2.98 1.87 10.48
CA THR B 317 -4.44 1.91 10.41
C THR B 317 -4.93 3.24 9.89
N LEU B 318 -4.40 4.30 10.45
CA LEU B 318 -4.71 5.62 9.95
C LEU B 318 -4.43 5.69 8.46
N MET B 319 -3.32 5.07 8.04
CA MET B 319 -2.99 5.14 6.59
C MET B 319 -3.85 4.24 5.73
N PHE B 320 -4.20 3.06 6.23
CA PHE B 320 -5.09 2.16 5.51
C PHE B 320 -6.39 2.87 5.21
N GLY B 321 -6.88 3.58 6.22
CA GLY B 321 -8.12 4.36 6.12
C GLY B 321 -8.03 5.54 5.17
N GLN B 322 -6.95 6.32 5.29
CA GLN B 322 -6.65 7.38 4.33
C GLN B 322 -6.63 6.82 2.90
N ARG B 323 -6.10 5.61 2.75
CA ARG B 323 -6.13 4.99 1.44
C ARG B 323 -7.53 4.85 0.98
N ALA B 324 -8.34 4.22 1.82
CA ALA B 324 -9.72 3.88 1.43
C ALA B 324 -10.63 5.10 1.14
N LYS B 325 -10.38 6.23 1.81
CA LYS B 325 -11.16 7.46 1.57
C LYS B 325 -11.10 7.97 0.14
N THR B 326 -10.09 7.57 -0.62
CA THR B 326 -9.92 8.08 -1.96
C THR B 326 -10.67 7.25 -2.97
N ILE B 327 -11.08 6.05 -2.59
CA ILE B 327 -11.74 5.12 -3.51
C ILE B 327 -13.12 5.67 -3.86
N LYS B 328 -13.65 5.22 -4.98
CA LYS B 328 -14.92 5.71 -5.45
C LYS B 328 -15.78 4.59 -6.00
N ASN B 329 -17.05 4.60 -5.60
CA ASN B 329 -17.97 3.53 -5.90
C ASN B 329 -19.04 4.05 -6.85
N THR B 330 -19.48 3.18 -7.74
CA THR B 330 -20.50 3.53 -8.72
C THR B 330 -21.78 2.79 -8.35
N VAL B 331 -22.67 3.52 -7.69
CA VAL B 331 -23.83 2.92 -7.02
C VAL B 331 -25.12 3.21 -7.78
N SER B 332 -25.91 2.17 -7.95
CA SER B 332 -27.21 2.30 -8.59
C SER B 332 -28.20 1.47 -7.81
N VAL B 333 -29.47 1.71 -8.11
CA VAL B 333 -30.58 1.07 -7.43
C VAL B 333 -30.79 -0.33 -8.02
N ASN B 334 -30.90 -1.34 -7.17
CA ASN B 334 -31.08 -2.74 -7.59
C ASN B 334 -32.56 -3.10 -7.52
N HIS B 335 -33.01 -4.06 -8.34
CA HIS B 335 -34.43 -4.43 -8.37
C HIS B 335 -34.65 -5.94 -8.33
N HIS B 336 -33.93 -6.64 -7.47
CA HIS B 336 -33.98 -8.11 -7.40
C HIS B 336 -35.34 -8.62 -6.92
N HIS B 337 -35.88 -9.60 -7.66
CA HIS B 337 -37.30 -9.98 -7.58
C HIS B 337 -37.65 -10.74 -6.30
N HIS B 338 -36.81 -11.70 -5.96
CA HIS B 338 -37.05 -12.61 -4.83
C HIS B 338 -35.97 -13.73 -4.85
N HIS B 339 -34.86 -13.45 -4.16
CA HIS B 339 -33.96 -14.51 -3.68
C HIS B 339 -34.84 -15.18 -2.61
PB ADP C . 10.27 8.80 -16.91
O1B ADP C . 9.68 10.19 -17.05
O2B ADP C . 11.77 8.79 -17.08
O3B ADP C . 9.76 8.05 -15.71
PA ADP C . 8.68 6.85 -17.99
O1A ADP C . 9.16 5.64 -17.19
O2A ADP C . 7.50 7.69 -17.58
O3A ADP C . 9.80 7.96 -18.18
O5' ADP C . 8.34 6.25 -19.45
C5' ADP C . 7.61 5.01 -19.49
C4' ADP C . 6.63 4.96 -20.65
O4' ADP C . 7.32 4.80 -21.88
C3' ADP C . 5.71 3.74 -20.49
O3' ADP C . 4.41 4.02 -20.98
C2' ADP C . 6.43 2.65 -21.29
O2' ADP C . 5.51 1.78 -21.98
C1' ADP C . 7.34 3.41 -22.25
N9 ADP C . 8.74 2.86 -22.23
C8 ADP C . 9.85 3.42 -21.68
N7 ADP C . 10.94 2.64 -21.88
C5 ADP C . 10.54 1.55 -22.57
C6 ADP C . 11.19 0.32 -23.12
N6 ADP C . 12.52 0.06 -22.98
N1 ADP C . 10.37 -0.54 -23.79
C2 ADP C . 9.05 -0.32 -23.96
N3 ADP C . 8.42 0.76 -23.49
C4 ADP C . 9.10 1.71 -22.81
PB ADP D . -11.19 -6.11 18.80
O1B ADP D . -10.22 -7.08 19.36
O2B ADP D . -10.64 -5.13 17.79
O3B ADP D . -12.52 -6.75 18.48
PA ADP D . -12.39 -5.63 21.25
O1A ADP D . -13.78 -5.06 20.99
O2A ADP D . -12.13 -7.11 21.46
O3A ADP D . -11.46 -5.13 20.03
O5' ADP D . -11.72 -4.83 22.50
C5' ADP D . -11.72 -5.36 23.83
C4' ADP D . -12.38 -4.39 24.81
O4' ADP D . -12.17 -3.01 24.47
C3' ADP D . -13.89 -4.58 24.87
O3' ADP D . -14.22 -5.62 25.81
C2' ADP D . -14.44 -3.18 25.21
O2' ADP D . -15.01 -3.04 26.52
C1' ADP D . -13.23 -2.24 25.05
N9 ADP D . -13.59 -1.08 24.18
C8 ADP D . -13.34 -1.00 22.85
N7 ADP D . -13.79 0.18 22.33
C5 ADP D . -14.33 0.87 23.35
C6 ADP D . -14.98 2.20 23.47
N6 ADP D . -15.10 2.98 22.35
N1 ADP D . -15.41 2.58 24.72
C2 ADP D . -15.27 1.77 25.81
N3 ADP D . -14.69 0.54 25.76
C4 ADP D . -14.21 0.05 24.57
#